data_1MR7
#
_entry.id   1MR7
#
_cell.length_a   181.393
_cell.length_b   183.001
_cell.length_c   184.124
_cell.angle_alpha   90.00
_cell.angle_beta   90.00
_cell.angle_gamma   90.00
#
_symmetry.space_group_name_H-M   'F 2 2 2'
#
loop_
_entity.id
_entity.type
_entity.pdbx_description
1 polymer 'Streptogramin A Acetyltransferase'
2 water water
#
_entity_poly.entity_id   1
_entity_poly.type   'polypeptide(L)'
_entity_poly.pdbx_seq_one_letter_code
;MGPNPMKMYPIEGNKSVQFIKPILEKLENVEVGEYSYYDSKNGETFDKQILYHYPILNDKLKIGKFCSIGPGVTIIMNGA
NHRMDGSTYPFNLFGNGWEKHMPKLDQLPIKGDTIIGNDVWIGKDVVIMPGVKIGDGAIVAANSVVVKDIAPYMLAGGNP
ANEIKQRFDQDTINQLLDIKWWNWPIDIINENIDKILDNSIIREVIWKK
;
_entity_poly.pdbx_strand_id   A,B,C,X,Y,Z
#
# COMPACT_ATOMS: atom_id res chain seq x y z
N MET A 1 -45.06 -48.60 -25.19
CA MET A 1 -45.31 -47.18 -24.78
C MET A 1 -44.06 -46.68 -24.05
N GLY A 2 -43.74 -45.42 -24.26
CA GLY A 2 -42.49 -44.90 -23.77
C GLY A 2 -41.34 -45.02 -24.77
N PRO A 3 -40.22 -44.44 -24.38
CA PRO A 3 -39.08 -44.27 -25.27
C PRO A 3 -38.30 -45.56 -25.46
N ASN A 4 -37.39 -45.55 -26.42
CA ASN A 4 -36.57 -46.70 -26.72
C ASN A 4 -35.28 -46.65 -25.93
N PRO A 5 -35.12 -47.52 -24.93
CA PRO A 5 -33.96 -47.40 -24.04
C PRO A 5 -32.61 -47.73 -24.70
N MET A 6 -32.65 -48.21 -25.94
CA MET A 6 -31.43 -48.49 -26.67
C MET A 6 -30.97 -47.32 -27.55
N LYS A 7 -31.77 -46.25 -27.62
CA LYS A 7 -31.32 -45.03 -28.30
C LYS A 7 -30.41 -44.22 -27.39
N MET A 8 -29.23 -43.83 -27.87
CA MET A 8 -28.43 -42.92 -27.08
C MET A 8 -29.05 -41.52 -26.98
N TYR A 9 -29.79 -41.15 -28.01
CA TYR A 9 -30.57 -39.91 -27.99
C TYR A 9 -32.05 -40.19 -28.19
N PRO A 10 -32.75 -40.48 -27.10
CA PRO A 10 -34.12 -40.99 -27.21
C PRO A 10 -35.11 -40.00 -27.79
N ILE A 11 -34.75 -38.72 -27.77
CA ILE A 11 -35.58 -37.66 -28.38
C ILE A 11 -34.92 -37.13 -29.62
N GLU A 12 -35.58 -37.35 -30.74
CA GLU A 12 -35.04 -36.96 -32.05
C GLU A 12 -34.66 -35.49 -32.08
N GLY A 13 -33.43 -35.22 -32.50
CA GLY A 13 -32.98 -33.85 -32.70
C GLY A 13 -32.50 -33.22 -31.42
N ASN A 14 -32.54 -33.98 -30.32
CA ASN A 14 -32.08 -33.49 -29.02
C ASN A 14 -30.87 -34.29 -28.56
N LYS A 15 -29.70 -33.66 -28.54
CA LYS A 15 -28.47 -34.33 -28.14
C LYS A 15 -28.07 -33.99 -26.69
N SER A 16 -28.99 -33.35 -25.98
CA SER A 16 -28.77 -33.01 -24.58
C SER A 16 -29.18 -34.17 -23.66
N VAL A 17 -30.29 -34.80 -24.00
CA VAL A 17 -30.83 -35.87 -23.18
C VAL A 17 -30.34 -37.21 -23.70
N GLN A 18 -29.69 -37.99 -22.84
CA GLN A 18 -28.98 -39.18 -23.27
C GLN A 18 -29.39 -40.35 -22.38
N PHE A 19 -29.68 -41.51 -22.99
CA PHE A 19 -29.80 -42.75 -22.24
C PHE A 19 -28.41 -43.35 -22.06
N ILE A 20 -28.08 -43.63 -20.81
CA ILE A 20 -26.72 -43.95 -20.44
C ILE A 20 -26.36 -45.38 -20.78
N LYS A 21 -27.29 -46.30 -20.62
CA LYS A 21 -27.01 -47.70 -20.91
C LYS A 21 -26.42 -47.93 -22.32
N PRO A 22 -27.08 -47.48 -23.38
CA PRO A 22 -26.53 -47.75 -24.71
C PRO A 22 -25.17 -47.12 -24.95
N ILE A 23 -24.92 -46.02 -24.24
CA ILE A 23 -23.63 -45.36 -24.38
C ILE A 23 -22.53 -46.13 -23.69
N LEU A 24 -22.82 -46.71 -22.53
CA LEU A 24 -21.76 -47.34 -21.73
C LEU A 24 -21.67 -48.84 -21.90
N GLU A 25 -22.50 -49.40 -22.77
CA GLU A 25 -22.61 -50.84 -22.92
C GLU A 25 -21.28 -51.42 -23.40
N LYS A 26 -20.54 -50.62 -24.17
CA LYS A 26 -19.25 -51.08 -24.71
C LYS A 26 -18.19 -51.19 -23.64
N LEU A 27 -18.47 -50.65 -22.46
CA LEU A 27 -17.43 -50.51 -21.45
C LEU A 27 -17.38 -51.73 -20.57
N GLU A 28 -16.15 -52.20 -20.39
CA GLU A 28 -15.84 -53.20 -19.39
C GLU A 28 -16.10 -52.66 -17.99
N ASN A 29 -16.58 -53.55 -17.15
CA ASN A 29 -16.72 -53.27 -15.73
C ASN A 29 -17.70 -52.13 -15.42
N VAL A 30 -18.60 -51.87 -16.36
CA VAL A 30 -19.74 -50.96 -16.14
C VAL A 30 -21.02 -51.73 -16.44
N GLU A 31 -22.02 -51.59 -15.57
CA GLU A 31 -23.36 -52.11 -15.81
C GLU A 31 -24.35 -51.00 -15.53
N VAL A 32 -25.27 -50.75 -16.45
CA VAL A 32 -26.17 -49.62 -16.35
C VAL A 32 -27.58 -50.07 -16.68
N GLY A 33 -28.54 -49.59 -15.90
CA GLY A 33 -29.93 -49.93 -16.14
C GLY A 33 -30.65 -49.10 -17.19
N GLU A 34 -31.67 -49.71 -17.77
CA GLU A 34 -32.54 -49.09 -18.76
C GLU A 34 -33.12 -47.79 -18.20
N TYR A 35 -33.31 -46.84 -19.11
CA TYR A 35 -34.04 -45.60 -18.88
C TYR A 35 -33.31 -44.55 -18.03
N SER A 36 -32.27 -44.94 -17.32
CA SER A 36 -31.42 -43.95 -16.66
C SER A 36 -30.82 -43.02 -17.69
N TYR A 37 -30.80 -41.74 -17.38
CA TYR A 37 -30.45 -40.72 -18.34
C TYR A 37 -29.51 -39.69 -17.78
N TYR A 38 -28.80 -39.05 -18.71
CA TYR A 38 -27.94 -37.92 -18.41
C TYR A 38 -28.46 -36.70 -19.12
N ASP A 39 -28.44 -35.57 -18.42
CA ASP A 39 -28.79 -34.29 -18.99
C ASP A 39 -27.54 -33.47 -19.26
N SER A 40 -27.08 -33.46 -20.50
CA SER A 40 -25.74 -33.00 -20.80
C SER A 40 -25.56 -31.50 -20.50
N LYS A 41 -24.36 -31.12 -20.11
CA LYS A 41 -24.05 -29.74 -19.73
C LYS A 41 -23.82 -28.95 -21.01
N ASN A 42 -22.95 -29.47 -21.86
CA ASN A 42 -22.63 -28.79 -23.10
C ASN A 42 -22.69 -29.68 -24.36
N GLY A 43 -23.33 -30.85 -24.24
CA GLY A 43 -23.38 -31.79 -25.36
C GLY A 43 -22.39 -32.95 -25.29
N GLU A 44 -21.52 -32.94 -24.28
CA GLU A 44 -20.68 -34.09 -23.98
C GLU A 44 -21.53 -35.31 -23.67
N THR A 45 -21.08 -36.48 -24.15
CA THR A 45 -21.75 -37.76 -23.82
C THR A 45 -21.22 -38.31 -22.50
N PHE A 46 -22.07 -39.06 -21.79
CA PHE A 46 -21.82 -39.40 -20.41
C PHE A 46 -20.56 -40.23 -20.17
N ASP A 47 -20.11 -40.93 -21.21
CA ASP A 47 -18.86 -41.70 -21.06
C ASP A 47 -17.71 -40.77 -20.68
N LYS A 48 -17.80 -39.48 -21.04
CA LYS A 48 -16.74 -38.52 -20.75
C LYS A 48 -16.68 -38.19 -19.25
N GLN A 49 -17.73 -38.53 -18.53
CA GLN A 49 -17.96 -38.09 -17.17
C GLN A 49 -17.51 -39.18 -16.22
N ILE A 50 -17.13 -40.34 -16.77
CA ILE A 50 -16.59 -41.41 -15.95
C ILE A 50 -15.08 -41.35 -15.99
N LEU A 51 -14.48 -41.10 -14.84
CA LEU A 51 -13.07 -40.74 -14.81
C LEU A 51 -12.23 -41.81 -14.10
N TYR A 52 -10.98 -41.94 -14.53
CA TYR A 52 -10.03 -42.84 -13.86
C TYR A 52 -10.51 -44.27 -13.72
N HIS A 53 -11.17 -44.79 -14.75
CA HIS A 53 -11.72 -46.12 -14.70
C HIS A 53 -10.92 -47.00 -15.62
N TYR A 54 -10.06 -47.79 -15.01
CA TYR A 54 -9.04 -48.56 -15.76
C TYR A 54 -9.32 -50.04 -15.55
N PRO A 55 -9.53 -50.77 -16.64
CA PRO A 55 -9.86 -52.20 -16.55
C PRO A 55 -8.91 -52.99 -15.66
N ILE A 56 -7.65 -52.61 -15.67
CA ILE A 56 -6.65 -53.40 -14.95
C ILE A 56 -6.85 -53.32 -13.43
N LEU A 57 -7.51 -52.26 -12.98
CA LEU A 57 -7.75 -52.11 -11.57
C LEU A 57 -8.95 -52.92 -11.07
N ASN A 58 -9.72 -53.43 -12.04
CA ASN A 58 -10.85 -54.34 -11.79
C ASN A 58 -12.00 -53.85 -10.90
N ASP A 59 -12.09 -52.54 -10.67
CA ASP A 59 -13.24 -51.99 -9.97
C ASP A 59 -14.42 -51.81 -10.93
N LYS A 60 -15.62 -52.06 -10.44
CA LYS A 60 -16.83 -51.99 -11.25
C LYS A 60 -17.68 -50.77 -10.90
N LEU A 61 -18.35 -50.22 -11.91
CA LEU A 61 -19.36 -49.21 -11.73
C LEU A 61 -20.69 -49.81 -12.12
N LYS A 62 -21.66 -49.69 -11.22
CA LYS A 62 -23.02 -50.14 -11.51
C LYS A 62 -23.98 -49.00 -11.24
N ILE A 63 -24.88 -48.75 -12.21
CA ILE A 63 -25.97 -47.79 -12.07
C ILE A 63 -27.29 -48.52 -12.38
N GLY A 64 -28.31 -48.30 -11.55
CA GLY A 64 -29.58 -48.98 -11.70
C GLY A 64 -30.44 -48.34 -12.77
N LYS A 65 -31.73 -48.61 -12.73
CA LYS A 65 -32.69 -48.17 -13.72
C LYS A 65 -33.42 -46.91 -13.23
N PHE A 66 -33.96 -46.15 -14.16
CA PHE A 66 -34.74 -44.97 -13.88
C PHE A 66 -34.04 -43.89 -13.04
N CYS A 67 -32.72 -43.76 -13.24
CA CYS A 67 -31.91 -42.73 -12.62
C CYS A 67 -31.87 -41.48 -13.45
N SER A 68 -31.81 -40.36 -12.75
CA SER A 68 -31.66 -39.06 -13.35
C SER A 68 -30.29 -38.50 -12.98
N ILE A 69 -29.42 -38.32 -13.95
CA ILE A 69 -28.08 -37.77 -13.69
C ILE A 69 -27.92 -36.39 -14.27
N GLY A 70 -27.72 -35.39 -13.39
CA GLY A 70 -27.71 -34.00 -13.81
C GLY A 70 -26.46 -33.59 -14.55
N PRO A 71 -26.46 -32.41 -15.16
CA PRO A 71 -25.31 -32.00 -15.95
C PRO A 71 -24.05 -31.86 -15.11
N GLY A 72 -22.95 -32.31 -15.67
CA GLY A 72 -21.63 -32.11 -15.08
C GLY A 72 -21.26 -33.10 -13.99
N VAL A 73 -22.15 -34.02 -13.66
CA VAL A 73 -21.83 -35.05 -12.71
C VAL A 73 -20.57 -35.79 -13.22
N THR A 74 -19.66 -36.10 -12.30
CA THR A 74 -18.54 -36.94 -12.57
C THR A 74 -18.56 -38.12 -11.61
N ILE A 75 -18.10 -39.25 -12.12
CA ILE A 75 -17.90 -40.42 -11.28
C ILE A 75 -16.41 -40.81 -11.34
N ILE A 76 -15.78 -40.86 -10.18
CA ILE A 76 -14.34 -41.08 -10.03
C ILE A 76 -14.13 -42.49 -9.57
N MET A 77 -13.50 -43.30 -10.41
CA MET A 77 -13.17 -44.66 -10.08
C MET A 77 -11.75 -44.70 -9.51
N ASN A 78 -11.14 -45.86 -9.38
CA ASN A 78 -10.01 -46.00 -8.46
C ASN A 78 -8.67 -45.56 -9.03
N GLY A 79 -8.66 -45.14 -10.29
CA GLY A 79 -7.42 -44.96 -11.02
C GLY A 79 -6.66 -43.68 -10.69
N ALA A 80 -7.24 -42.80 -9.90
CA ALA A 80 -6.48 -41.66 -9.35
C ALA A 80 -5.90 -41.92 -7.96
N ASN A 81 -6.10 -43.10 -7.40
CA ASN A 81 -5.55 -43.39 -6.07
C ASN A 81 -4.02 -43.36 -6.14
N HIS A 82 -3.36 -42.96 -5.05
CA HIS A 82 -1.92 -43.12 -4.97
C HIS A 82 -1.63 -44.19 -3.94
N ARG A 83 -0.47 -44.84 -4.08
CA ARG A 83 0.09 -45.62 -2.99
C ARG A 83 0.31 -44.77 -1.76
N MET A 84 -0.04 -45.30 -0.60
CA MET A 84 0.02 -44.45 0.57
C MET A 84 0.39 -45.13 1.88
N ASP A 85 1.10 -46.24 1.81
CA ASP A 85 1.74 -46.77 3.02
C ASP A 85 3.06 -46.07 3.35
N GLY A 86 3.51 -45.23 2.43
CA GLY A 86 4.67 -44.37 2.66
C GLY A 86 4.45 -43.06 1.91
N SER A 87 5.42 -42.65 1.10
CA SER A 87 5.26 -41.46 0.25
C SER A 87 4.20 -41.72 -0.82
N THR A 88 3.38 -40.71 -1.06
CA THR A 88 2.40 -40.74 -2.14
C THR A 88 3.05 -40.36 -3.48
N TYR A 89 4.31 -39.98 -3.47
CA TYR A 89 4.92 -39.49 -4.72
C TYR A 89 5.09 -40.65 -5.71
N PRO A 90 4.54 -40.52 -6.92
CA PRO A 90 4.52 -41.64 -7.85
C PRO A 90 5.78 -41.71 -8.69
N PHE A 91 6.91 -42.03 -8.06
CA PHE A 91 8.20 -42.10 -8.71
C PHE A 91 8.10 -42.85 -10.03
N ASN A 92 7.36 -43.95 -10.03
CA ASN A 92 7.36 -44.85 -11.18
C ASN A 92 6.92 -44.16 -12.47
N LEU A 93 6.05 -43.17 -12.34
CA LEU A 93 5.45 -42.53 -13.50
C LEU A 93 6.50 -41.86 -14.33
N PHE A 94 7.60 -41.44 -13.70
CA PHE A 94 8.58 -40.62 -14.39
C PHE A 94 9.69 -41.41 -15.09
N GLY A 95 9.66 -42.74 -14.98
CA GLY A 95 10.63 -43.58 -15.66
C GLY A 95 12.06 -43.21 -15.35
N ASN A 96 12.92 -43.26 -16.38
CA ASN A 96 14.36 -43.06 -16.23
C ASN A 96 14.94 -43.86 -15.07
N GLY A 97 14.46 -45.09 -14.90
CA GLY A 97 14.96 -45.98 -13.87
C GLY A 97 13.95 -46.20 -12.75
N TRP A 98 13.09 -45.21 -12.54
CA TRP A 98 12.16 -45.26 -11.43
C TRP A 98 10.97 -46.17 -11.73
N GLU A 99 10.85 -46.64 -12.97
CA GLU A 99 9.70 -47.48 -13.29
C GLU A 99 9.79 -48.84 -12.60
N LYS A 100 10.96 -49.16 -12.06
CA LYS A 100 11.11 -50.33 -11.20
C LYS A 100 10.29 -50.26 -9.91
N HIS A 101 9.90 -49.05 -9.50
CA HIS A 101 9.13 -48.84 -8.27
C HIS A 101 7.62 -48.79 -8.49
N MET A 102 7.18 -49.26 -9.66
CA MET A 102 5.76 -49.35 -9.93
C MET A 102 5.09 -50.14 -8.81
N PRO A 103 3.99 -49.64 -8.29
CA PRO A 103 3.25 -50.39 -7.28
C PRO A 103 2.59 -51.60 -7.94
N LYS A 104 2.67 -52.74 -7.28
CA LYS A 104 1.81 -53.87 -7.60
C LYS A 104 0.36 -53.54 -7.33
N LEU A 105 -0.54 -54.20 -8.05
CA LEU A 105 -1.96 -53.93 -7.90
C LEU A 105 -2.36 -53.99 -6.43
N ASP A 106 -1.79 -54.92 -5.70
CA ASP A 106 -2.17 -55.12 -4.30
C ASP A 106 -1.44 -54.18 -3.35
N GLN A 107 -0.71 -53.21 -3.88
CA GLN A 107 -0.14 -52.14 -3.06
C GLN A 107 -0.92 -50.87 -3.14
N LEU A 108 -1.86 -50.83 -4.08
CA LEU A 108 -2.69 -49.67 -4.25
C LEU A 108 -3.94 -49.76 -3.38
N PRO A 109 -4.46 -48.61 -2.94
CA PRO A 109 -5.75 -48.60 -2.26
C PRO A 109 -6.79 -49.20 -3.17
N ILE A 110 -7.59 -50.10 -2.63
CA ILE A 110 -8.73 -50.60 -3.34
C ILE A 110 -9.97 -50.14 -2.58
N LYS A 111 -10.61 -49.10 -3.08
CA LYS A 111 -11.72 -48.50 -2.35
C LYS A 111 -13.04 -49.19 -2.62
N GLY A 112 -13.07 -50.02 -3.67
CA GLY A 112 -14.18 -50.91 -3.96
C GLY A 112 -14.97 -50.41 -5.16
N ASP A 113 -16.13 -51.02 -5.39
CA ASP A 113 -16.96 -50.74 -6.55
C ASP A 113 -17.86 -49.56 -6.24
N THR A 114 -18.33 -48.86 -7.26
CA THR A 114 -19.30 -47.80 -7.07
C THR A 114 -20.64 -48.31 -7.53
N ILE A 115 -21.62 -48.29 -6.64
CA ILE A 115 -22.93 -48.83 -6.95
C ILE A 115 -24.00 -47.80 -6.68
N ILE A 116 -24.64 -47.33 -7.75
CA ILE A 116 -25.77 -46.42 -7.68
C ILE A 116 -27.02 -47.20 -8.02
N GLY A 117 -27.99 -47.14 -7.10
CA GLY A 117 -29.22 -47.90 -7.19
C GLY A 117 -30.21 -47.38 -8.21
N ASN A 118 -31.46 -47.76 -8.01
CA ASN A 118 -32.52 -47.46 -8.95
C ASN A 118 -33.33 -46.25 -8.52
N ASP A 119 -33.81 -45.50 -9.51
CA ASP A 119 -34.63 -44.33 -9.23
C ASP A 119 -33.85 -43.34 -8.36
N VAL A 120 -32.56 -43.17 -8.65
CA VAL A 120 -31.73 -42.18 -7.96
C VAL A 120 -31.54 -40.90 -8.79
N TRP A 121 -31.72 -39.74 -8.14
CA TRP A 121 -31.46 -38.45 -8.77
C TRP A 121 -30.17 -37.84 -8.22
N ILE A 122 -29.18 -37.79 -9.10
CA ILE A 122 -27.92 -37.10 -8.81
C ILE A 122 -27.92 -35.74 -9.43
N GLY A 123 -27.85 -34.71 -8.60
CA GLY A 123 -27.95 -33.35 -9.08
C GLY A 123 -26.72 -32.81 -9.81
N LYS A 124 -26.91 -31.62 -10.36
CA LYS A 124 -25.88 -30.94 -11.16
C LYS A 124 -24.55 -30.92 -10.43
N ASP A 125 -23.50 -31.25 -11.16
CA ASP A 125 -22.13 -31.00 -10.73
C ASP A 125 -21.72 -31.77 -9.47
N VAL A 126 -22.45 -32.81 -9.15
CA VAL A 126 -22.01 -33.75 -8.14
C VAL A 126 -20.74 -34.48 -8.56
N VAL A 127 -19.89 -34.75 -7.57
CA VAL A 127 -18.78 -35.69 -7.72
C VAL A 127 -19.02 -36.92 -6.86
N ILE A 128 -18.98 -38.09 -7.49
CA ILE A 128 -19.09 -39.34 -6.76
C ILE A 128 -17.70 -39.95 -6.66
N MET A 129 -17.17 -40.07 -5.44
CA MET A 129 -15.80 -40.52 -5.26
C MET A 129 -15.79 -42.05 -5.20
N PRO A 130 -14.61 -42.65 -5.19
CA PRO A 130 -14.53 -44.11 -5.26
C PRO A 130 -15.19 -44.89 -4.15
N GLY A 131 -15.82 -45.99 -4.54
CA GLY A 131 -16.20 -47.04 -3.61
C GLY A 131 -17.51 -46.77 -2.87
N VAL A 132 -18.29 -45.84 -3.41
CA VAL A 132 -19.52 -45.36 -2.77
C VAL A 132 -20.73 -46.19 -3.24
N LYS A 133 -21.62 -46.50 -2.30
CA LYS A 133 -22.96 -47.03 -2.59
C LYS A 133 -24.03 -46.01 -2.31
N ILE A 134 -24.94 -45.83 -3.27
CA ILE A 134 -26.10 -44.96 -3.10
C ILE A 134 -27.36 -45.79 -3.32
N GLY A 135 -28.22 -45.82 -2.30
CA GLY A 135 -29.37 -46.68 -2.28
C GLY A 135 -30.46 -46.20 -3.21
N ASP A 136 -31.39 -47.11 -3.53
CA ASP A 136 -32.58 -46.81 -4.32
C ASP A 136 -33.30 -45.57 -3.82
N GLY A 137 -33.76 -44.73 -4.75
CA GLY A 137 -34.64 -43.63 -4.39
C GLY A 137 -33.99 -42.44 -3.74
N ALA A 138 -32.67 -42.51 -3.57
CA ALA A 138 -31.93 -41.38 -3.01
C ALA A 138 -31.95 -40.14 -3.90
N ILE A 139 -31.80 -38.99 -3.26
CA ILE A 139 -31.59 -37.75 -3.97
C ILE A 139 -30.27 -37.14 -3.46
N VAL A 140 -29.38 -36.85 -4.40
CA VAL A 140 -28.12 -36.22 -4.05
C VAL A 140 -28.11 -34.80 -4.56
N ALA A 141 -28.06 -33.86 -3.61
CA ALA A 141 -28.16 -32.44 -3.91
C ALA A 141 -27.07 -32.02 -4.87
N ALA A 142 -27.39 -31.05 -5.74
CA ALA A 142 -26.37 -30.44 -6.58
C ALA A 142 -25.12 -30.04 -5.80
N ASN A 143 -23.98 -30.28 -6.44
CA ASN A 143 -22.66 -29.85 -5.96
C ASN A 143 -22.10 -30.68 -4.82
N SER A 144 -22.80 -31.75 -4.47
CA SER A 144 -22.36 -32.67 -3.43
C SER A 144 -21.10 -33.42 -3.86
N VAL A 145 -20.27 -33.71 -2.88
CA VAL A 145 -19.15 -34.59 -3.09
C VAL A 145 -19.34 -35.79 -2.18
N VAL A 146 -19.62 -36.93 -2.82
CA VAL A 146 -20.07 -38.12 -2.11
C VAL A 146 -18.89 -39.04 -1.83
N VAL A 147 -18.52 -39.14 -0.55
CA VAL A 147 -17.36 -39.94 -0.12
C VAL A 147 -17.77 -41.17 0.68
N LYS A 148 -18.97 -41.17 1.23
CA LYS A 148 -19.47 -42.34 1.96
C LYS A 148 -20.81 -42.76 1.43
N ASP A 149 -21.29 -43.92 1.88
CA ASP A 149 -22.54 -44.45 1.37
C ASP A 149 -23.71 -43.55 1.75
N ILE A 150 -24.76 -43.63 0.95
CA ILE A 150 -26.04 -42.99 1.22
C ILE A 150 -27.15 -44.04 1.16
N ALA A 151 -27.99 -44.08 2.17
CA ALA A 151 -28.99 -45.13 2.33
C ALA A 151 -30.14 -44.86 1.36
N PRO A 152 -31.00 -45.87 1.13
CA PRO A 152 -32.12 -45.67 0.20
C PRO A 152 -33.09 -44.60 0.63
N TYR A 153 -33.60 -43.88 -0.35
CA TYR A 153 -34.62 -42.84 -0.13
C TYR A 153 -34.20 -41.75 0.85
N MET A 154 -32.89 -41.48 0.93
N MET A 154 -32.90 -41.47 0.90
CA MET A 154 -32.40 -40.36 1.69
CA MET A 154 -32.36 -40.38 1.70
C MET A 154 -32.10 -39.18 0.78
C MET A 154 -32.08 -39.18 0.79
N LEU A 155 -32.36 -37.98 1.28
CA LEU A 155 -31.82 -36.78 0.72
C LEU A 155 -30.45 -36.59 1.35
N ALA A 156 -29.45 -36.35 0.49
CA ALA A 156 -28.10 -36.10 0.93
C ALA A 156 -27.52 -34.93 0.19
N GLY A 157 -26.65 -34.21 0.88
CA GLY A 157 -26.01 -33.05 0.29
C GLY A 157 -24.72 -32.70 1.00
N GLY A 158 -23.89 -31.95 0.29
CA GLY A 158 -22.73 -31.34 0.92
C GLY A 158 -21.43 -31.91 0.45
N ASN A 159 -20.35 -31.28 0.88
CA ASN A 159 -19.03 -31.81 0.65
C ASN A 159 -18.26 -31.76 1.95
N PRO A 160 -18.10 -32.91 2.61
CA PRO A 160 -18.55 -34.21 2.09
C PRO A 160 -20.03 -34.38 2.27
N ALA A 161 -20.62 -35.19 1.41
CA ALA A 161 -22.08 -35.34 1.43
C ALA A 161 -22.51 -36.04 2.73
N ASN A 162 -23.47 -35.44 3.42
CA ASN A 162 -24.13 -36.12 4.54
C ASN A 162 -25.62 -36.33 4.27
N GLU A 163 -26.16 -37.38 4.88
CA GLU A 163 -27.60 -37.57 4.90
C GLU A 163 -28.28 -36.45 5.66
N ILE A 164 -29.28 -35.87 5.01
CA ILE A 164 -30.01 -34.72 5.52
C ILE A 164 -31.30 -35.17 6.17
N LYS A 165 -32.13 -35.90 5.41
CA LYS A 165 -33.40 -36.43 5.92
C LYS A 165 -33.81 -37.66 5.11
N GLN A 166 -34.63 -38.52 5.72
CA GLN A 166 -35.43 -39.46 4.96
C GLN A 166 -36.49 -38.75 4.15
N ARG A 167 -36.68 -39.21 2.93
CA ARG A 167 -37.64 -38.58 2.03
C ARG A 167 -39.05 -38.83 2.49
N PHE A 168 -39.26 -40.02 3.02
CA PHE A 168 -40.60 -40.58 3.27
C PHE A 168 -40.50 -41.32 4.59
N ASP A 169 -41.62 -41.60 5.24
CA ASP A 169 -41.57 -42.31 6.50
C ASP A 169 -41.10 -43.73 6.23
N GLN A 170 -40.59 -44.43 7.26
CA GLN A 170 -39.87 -45.70 7.04
C GLN A 170 -40.80 -46.72 6.43
N ASP A 171 -42.08 -46.67 6.82
CA ASP A 171 -43.04 -47.66 6.37
C ASP A 171 -43.25 -47.54 4.87
N THR A 172 -43.32 -46.30 4.39
CA THR A 172 -43.37 -46.02 2.96
C THR A 172 -42.09 -46.51 2.28
N ILE A 173 -40.93 -46.19 2.86
CA ILE A 173 -39.68 -46.64 2.29
C ILE A 173 -39.61 -48.16 2.21
N ASN A 174 -39.99 -48.83 3.29
CA ASN A 174 -39.94 -50.29 3.32
C ASN A 174 -40.83 -50.91 2.23
N GLN A 175 -41.99 -50.32 2.04
CA GLN A 175 -42.89 -50.86 1.04
C GLN A 175 -42.32 -50.68 -0.37
N LEU A 176 -41.74 -49.51 -0.64
CA LEU A 176 -41.18 -49.21 -1.97
C LEU A 176 -40.02 -50.14 -2.29
N LEU A 177 -39.19 -50.40 -1.29
CA LEU A 177 -38.06 -51.31 -1.47
C LEU A 177 -38.51 -52.74 -1.59
N ASP A 178 -39.69 -53.04 -1.05
CA ASP A 178 -40.26 -54.36 -1.23
C ASP A 178 -40.77 -54.58 -2.65
N ILE A 179 -41.48 -53.60 -3.21
CA ILE A 179 -42.17 -53.81 -4.46
C ILE A 179 -41.28 -53.62 -5.71
N LYS A 180 -40.23 -52.81 -5.59
CA LYS A 180 -39.28 -52.58 -6.69
C LYS A 180 -39.94 -52.36 -8.05
N TRP A 181 -40.69 -51.26 -8.17
CA TRP A 181 -41.45 -51.03 -9.38
C TRP A 181 -40.55 -51.00 -10.61
N TRP A 182 -39.31 -50.55 -10.41
CA TRP A 182 -38.38 -50.39 -11.51
C TRP A 182 -38.03 -51.71 -12.16
N ASN A 183 -38.34 -52.81 -11.48
CA ASN A 183 -38.11 -54.15 -12.02
C ASN A 183 -39.36 -54.75 -12.62
N TRP A 184 -40.48 -54.04 -12.56
CA TRP A 184 -41.69 -54.54 -13.20
C TRP A 184 -41.49 -54.57 -14.70
N PRO A 185 -42.26 -55.41 -15.36
CA PRO A 185 -42.37 -55.35 -16.82
C PRO A 185 -42.86 -54.00 -17.29
N ILE A 186 -42.30 -53.49 -18.39
CA ILE A 186 -42.57 -52.11 -18.79
C ILE A 186 -44.05 -51.83 -19.02
N ASP A 187 -44.79 -52.84 -19.48
CA ASP A 187 -46.21 -52.67 -19.71
C ASP A 187 -46.94 -52.38 -18.40
N ILE A 188 -46.47 -53.01 -17.32
CA ILE A 188 -47.02 -52.76 -15.99
C ILE A 188 -46.61 -51.39 -15.47
N ILE A 189 -45.34 -51.02 -15.68
CA ILE A 189 -44.90 -49.71 -15.30
C ILE A 189 -45.76 -48.67 -16.00
N ASN A 190 -45.97 -48.86 -17.30
CA ASN A 190 -46.68 -47.87 -18.10
C ASN A 190 -48.08 -47.65 -17.56
N GLU A 191 -48.72 -48.70 -17.05
CA GLU A 191 -50.12 -48.60 -16.60
C GLU A 191 -50.19 -47.89 -15.27
N ASN A 192 -49.03 -47.66 -14.65
CA ASN A 192 -48.98 -47.24 -13.26
C ASN A 192 -48.08 -46.04 -12.97
N ILE A 193 -47.69 -45.31 -14.01
CA ILE A 193 -46.72 -44.25 -13.84
C ILE A 193 -47.29 -43.20 -12.90
N ASP A 194 -48.60 -42.95 -13.00
CA ASP A 194 -49.17 -41.89 -12.20
C ASP A 194 -49.10 -42.26 -10.73
N LYS A 195 -49.18 -43.55 -10.42
CA LYS A 195 -49.09 -44.03 -9.04
C LYS A 195 -47.65 -44.08 -8.58
N ILE A 196 -46.76 -44.38 -9.50
CA ILE A 196 -45.33 -44.32 -9.19
C ILE A 196 -44.89 -42.90 -8.84
N LEU A 197 -45.46 -41.93 -9.54
CA LEU A 197 -45.11 -40.54 -9.34
C LEU A 197 -45.68 -39.93 -8.05
N ASP A 198 -46.77 -40.49 -7.52
CA ASP A 198 -47.30 -39.99 -6.24
C ASP A 198 -47.19 -40.95 -5.05
N ASN A 199 -46.46 -42.04 -5.23
CA ASN A 199 -46.24 -43.04 -4.19
C ASN A 199 -47.49 -43.84 -3.81
N SER A 200 -48.62 -43.58 -4.47
CA SER A 200 -49.84 -44.35 -4.18
C SER A 200 -49.73 -45.75 -4.79
N ILE A 201 -48.64 -45.99 -5.51
CA ILE A 201 -48.30 -47.34 -5.93
C ILE A 201 -48.22 -48.35 -4.78
N ILE A 202 -47.84 -47.91 -3.59
CA ILE A 202 -47.76 -48.83 -2.47
C ILE A 202 -49.12 -49.22 -1.87
N ARG A 203 -50.16 -48.49 -2.21
CA ARG A 203 -51.48 -48.70 -1.61
C ARG A 203 -52.40 -49.40 -2.61
N MET B 1 19.68 -41.18 -11.66
CA MET B 1 18.38 -41.84 -11.94
C MET B 1 17.14 -41.00 -11.67
N GLY B 2 16.08 -41.33 -12.42
CA GLY B 2 14.94 -40.45 -12.50
C GLY B 2 15.19 -39.36 -13.50
N PRO B 3 14.16 -38.57 -13.73
CA PRO B 3 14.20 -37.50 -14.68
C PRO B 3 14.92 -36.31 -14.08
N ASN B 4 15.38 -35.44 -14.95
CA ASN B 4 15.93 -34.15 -14.51
C ASN B 4 14.80 -33.26 -14.01
N PRO B 5 14.90 -32.76 -12.77
CA PRO B 5 13.80 -31.97 -12.23
C PRO B 5 13.61 -30.61 -12.92
N MET B 6 14.58 -30.22 -13.73
N MET B 6 14.58 -30.25 -13.75
CA MET B 6 14.45 -28.98 -14.49
CA MET B 6 14.50 -29.00 -14.50
C MET B 6 13.80 -29.17 -15.84
C MET B 6 13.81 -29.17 -15.85
N LYS B 7 13.41 -30.39 -16.16
CA LYS B 7 12.65 -30.65 -17.39
C LYS B 7 11.16 -30.34 -17.17
N MET B 8 10.64 -29.41 -17.95
N MET B 8 10.64 -29.41 -17.96
CA MET B 8 9.28 -28.96 -17.77
CA MET B 8 9.28 -28.94 -17.79
C MET B 8 8.30 -30.12 -17.98
C MET B 8 8.28 -30.08 -18.02
N TYR B 9 8.56 -30.93 -19.00
CA TYR B 9 7.67 -32.04 -19.35
C TYR B 9 8.39 -33.35 -19.31
N PRO B 10 8.51 -33.92 -18.12
CA PRO B 10 9.50 -34.97 -17.92
C PRO B 10 9.06 -36.32 -18.42
N ILE B 11 7.80 -36.49 -18.80
CA ILE B 11 7.33 -37.81 -19.19
C ILE B 11 7.10 -37.87 -20.67
N GLU B 12 7.97 -38.62 -21.34
CA GLU B 12 7.85 -38.93 -22.76
C GLU B 12 6.43 -39.41 -23.07
N GLY B 13 5.74 -38.68 -23.93
CA GLY B 13 4.40 -39.06 -24.33
C GLY B 13 3.33 -39.01 -23.24
N ASN B 14 3.52 -38.15 -22.24
CA ASN B 14 2.38 -37.67 -21.47
C ASN B 14 2.62 -36.23 -21.11
N LYS B 15 2.38 -35.34 -22.05
CA LYS B 15 2.60 -33.92 -21.82
C LYS B 15 1.62 -33.23 -20.86
N SER B 16 0.67 -33.97 -20.29
CA SER B 16 -0.16 -33.41 -19.22
C SER B 16 0.68 -33.09 -18.00
N VAL B 17 1.69 -33.91 -17.74
CA VAL B 17 2.39 -33.92 -16.46
C VAL B 17 3.57 -32.96 -16.55
N GLN B 18 3.58 -31.97 -15.67
CA GLN B 18 4.56 -30.88 -15.72
C GLN B 18 5.32 -30.93 -14.40
N PHE B 19 6.63 -30.70 -14.44
CA PHE B 19 7.34 -30.30 -13.22
C PHE B 19 7.13 -28.81 -13.02
N ILE B 20 6.65 -28.45 -11.84
CA ILE B 20 6.18 -27.10 -11.59
C ILE B 20 7.31 -26.09 -11.48
N LYS B 21 8.43 -26.51 -10.91
CA LYS B 21 9.53 -25.56 -10.71
C LYS B 21 9.96 -24.87 -11.97
N PRO B 22 10.38 -25.62 -12.98
CA PRO B 22 10.83 -24.96 -14.22
C PRO B 22 9.75 -24.12 -14.87
N ILE B 23 8.50 -24.50 -14.72
CA ILE B 23 7.43 -23.60 -15.16
C ILE B 23 7.24 -22.37 -14.28
N LEU B 24 7.22 -22.54 -12.96
CA LEU B 24 6.87 -21.40 -12.12
C LEU B 24 8.04 -20.43 -12.00
N GLU B 25 9.12 -20.71 -12.74
CA GLU B 25 10.42 -20.11 -12.43
C GLU B 25 10.34 -18.62 -12.65
N LYS B 26 9.54 -18.24 -13.65
CA LYS B 26 9.40 -16.84 -14.03
C LYS B 26 8.63 -16.01 -12.98
N LEU B 27 7.95 -16.66 -12.05
CA LEU B 27 7.00 -15.94 -11.19
C LEU B 27 7.70 -15.30 -9.99
N GLU B 28 7.49 -14.00 -9.79
CA GLU B 28 7.80 -13.29 -8.53
C GLU B 28 7.10 -13.91 -7.30
N ASN B 29 7.79 -13.94 -6.16
CA ASN B 29 7.21 -14.36 -4.88
C ASN B 29 6.61 -15.78 -4.89
N VAL B 30 7.18 -16.65 -5.71
CA VAL B 30 6.82 -18.05 -5.72
C VAL B 30 8.07 -18.88 -5.62
N GLU B 31 8.14 -19.78 -4.65
CA GLU B 31 9.23 -20.73 -4.55
C GLU B 31 8.69 -22.13 -4.62
N VAL B 32 9.26 -22.98 -5.48
CA VAL B 32 8.67 -24.28 -5.67
C VAL B 32 9.76 -25.33 -5.71
N GLY B 33 9.50 -26.44 -5.02
CA GLY B 33 10.49 -27.52 -4.90
C GLY B 33 10.60 -28.47 -6.10
N GLU B 34 11.79 -29.02 -6.26
CA GLU B 34 12.10 -30.00 -7.27
C GLU B 34 11.19 -31.23 -7.17
N TYR B 35 10.88 -31.77 -8.34
CA TYR B 35 10.11 -33.00 -8.53
C TYR B 35 8.60 -32.84 -8.33
N SER B 36 8.17 -31.75 -7.70
CA SER B 36 6.75 -31.51 -7.54
C SER B 36 6.12 -31.34 -8.94
N TYR B 37 4.96 -31.95 -9.14
CA TYR B 37 4.35 -31.98 -10.47
C TYR B 37 2.90 -31.55 -10.44
N TYR B 38 2.43 -31.09 -11.60
CA TYR B 38 1.03 -30.78 -11.83
C TYR B 38 0.56 -31.67 -12.97
N ASP B 39 -0.62 -32.24 -12.85
CA ASP B 39 -1.19 -33.05 -13.90
C ASP B 39 -2.30 -32.22 -14.53
N SER B 40 -2.00 -31.61 -15.68
CA SER B 40 -2.85 -30.61 -16.30
C SER B 40 -4.22 -31.16 -16.73
N LYS B 41 -5.25 -30.35 -16.61
CA LYS B 41 -6.61 -30.75 -16.94
C LYS B 41 -6.79 -30.69 -18.45
N ASN B 42 -6.33 -29.60 -19.08
CA ASN B 42 -6.57 -29.39 -20.51
C ASN B 42 -5.35 -28.81 -21.20
N GLY B 43 -4.16 -29.02 -20.65
CA GLY B 43 -2.93 -28.49 -21.18
C GLY B 43 -2.48 -27.16 -20.60
N GLU B 44 -3.30 -26.52 -19.78
CA GLU B 44 -2.89 -25.28 -19.13
C GLU B 44 -1.63 -25.54 -18.32
N THR B 45 -0.73 -24.58 -18.23
CA THR B 45 0.44 -24.74 -17.36
C THR B 45 0.08 -24.27 -15.96
N PHE B 46 0.80 -24.74 -14.96
CA PHE B 46 0.37 -24.50 -13.61
C PHE B 46 0.34 -23.04 -13.16
N ASP B 47 1.12 -22.18 -13.81
CA ASP B 47 1.06 -20.75 -13.51
C ASP B 47 -0.36 -20.22 -13.65
N LYS B 48 -1.14 -20.81 -14.55
CA LYS B 48 -2.53 -20.34 -14.73
C LYS B 48 -3.42 -20.65 -13.52
N GLN B 49 -2.96 -21.54 -12.66
CA GLN B 49 -3.72 -22.02 -11.51
C GLN B 49 -3.48 -21.20 -10.24
N ILE B 50 -2.50 -20.30 -10.28
CA ILE B 50 -2.18 -19.41 -9.17
C ILE B 50 -2.85 -18.08 -9.43
N LEU B 51 -3.84 -17.76 -8.61
CA LEU B 51 -4.75 -16.66 -8.87
C LEU B 51 -4.56 -15.56 -7.85
N TYR B 52 -4.83 -14.34 -8.29
CA TYR B 52 -4.86 -13.18 -7.41
C TYR B 52 -3.55 -13.00 -6.65
N HIS B 53 -2.44 -13.25 -7.35
CA HIS B 53 -1.13 -13.11 -6.78
C HIS B 53 -0.48 -11.85 -7.30
N TYR B 54 -0.50 -10.81 -6.47
CA TYR B 54 -0.07 -9.48 -6.89
C TYR B 54 1.15 -9.04 -6.10
N PRO B 55 2.26 -8.74 -6.79
CA PRO B 55 3.51 -8.38 -6.11
C PRO B 55 3.35 -7.25 -5.07
N ILE B 56 2.43 -6.34 -5.29
CA ILE B 56 2.30 -5.22 -4.36
C ILE B 56 1.85 -5.62 -2.98
N LEU B 57 1.13 -6.73 -2.89
CA LEU B 57 0.65 -7.22 -1.59
C LEU B 57 1.69 -8.02 -0.83
N ASN B 58 2.74 -8.41 -1.55
CA ASN B 58 3.95 -9.01 -1.00
C ASN B 58 3.74 -10.32 -0.28
N ASP B 59 2.66 -11.01 -0.61
CA ASP B 59 2.49 -12.35 -0.07
C ASP B 59 3.25 -13.38 -0.94
N LYS B 60 3.78 -14.40 -0.29
CA LYS B 60 4.54 -15.44 -0.99
C LYS B 60 3.79 -16.76 -1.06
N LEU B 61 4.02 -17.48 -2.18
CA LEU B 61 3.66 -18.87 -2.31
C LEU B 61 4.91 -19.73 -2.31
N LYS B 62 4.92 -20.70 -1.40
CA LYS B 62 5.99 -21.68 -1.32
C LYS B 62 5.42 -23.09 -1.40
N ILE B 63 6.00 -23.92 -2.26
CA ILE B 63 5.60 -25.31 -2.39
C ILE B 63 6.85 -26.15 -2.33
N GLY B 64 6.78 -27.21 -1.56
CA GLY B 64 7.95 -28.03 -1.30
C GLY B 64 8.25 -28.99 -2.42
N LYS B 65 9.05 -29.99 -2.10
CA LYS B 65 9.52 -30.96 -3.06
C LYS B 65 8.57 -32.17 -3.03
N PHE B 66 8.65 -32.97 -4.08
CA PHE B 66 7.95 -34.23 -4.22
C PHE B 66 6.44 -34.13 -3.94
N CYS B 67 5.82 -33.00 -4.30
CA CYS B 67 4.38 -32.88 -4.22
C CYS B 67 3.69 -33.38 -5.51
N SER B 68 2.48 -33.88 -5.34
CA SER B 68 1.67 -34.38 -6.44
C SER B 68 0.44 -33.46 -6.47
N ILE B 69 0.28 -32.70 -7.54
CA ILE B 69 -0.85 -31.78 -7.62
C ILE B 69 -1.78 -32.20 -8.75
N GLY B 70 -3.04 -32.47 -8.41
CA GLY B 70 -3.96 -32.98 -9.40
C GLY B 70 -4.53 -31.88 -10.30
N PRO B 71 -5.24 -32.31 -11.33
CA PRO B 71 -5.76 -31.39 -12.35
C PRO B 71 -6.77 -30.42 -11.74
N GLY B 72 -6.65 -29.13 -12.05
CA GLY B 72 -7.70 -28.17 -11.73
C GLY B 72 -7.51 -27.52 -10.38
N VAL B 73 -6.47 -27.91 -9.67
CA VAL B 73 -6.15 -27.34 -8.37
C VAL B 73 -5.90 -25.83 -8.59
N THR B 74 -6.49 -25.01 -7.74
CA THR B 74 -6.20 -23.57 -7.76
C THR B 74 -5.68 -23.12 -6.44
N ILE B 75 -4.77 -22.13 -6.49
CA ILE B 75 -4.21 -21.55 -5.28
C ILE B 75 -4.57 -20.06 -5.29
N ILE B 76 -5.32 -19.63 -4.29
CA ILE B 76 -5.84 -18.25 -4.22
C ILE B 76 -4.98 -17.46 -3.27
N MET B 77 -4.25 -16.49 -3.79
CA MET B 77 -3.43 -15.59 -2.99
C MET B 77 -4.25 -14.35 -2.63
N ASN B 78 -3.65 -13.35 -1.99
CA ASN B 78 -4.40 -12.37 -1.22
C ASN B 78 -5.12 -11.28 -2.04
N GLY B 79 -4.97 -11.34 -3.34
CA GLY B 79 -5.50 -10.34 -4.23
C GLY B 79 -7.02 -10.35 -4.39
N ALA B 80 -7.68 -11.40 -3.91
CA ALA B 80 -9.14 -11.45 -3.97
C ALA B 80 -9.77 -10.84 -2.74
N ASN B 81 -8.98 -10.57 -1.70
CA ASN B 81 -9.49 -10.05 -0.44
C ASN B 81 -10.18 -8.73 -0.68
N HIS B 82 -11.28 -8.47 0.02
CA HIS B 82 -11.85 -7.15 0.08
C HIS B 82 -11.54 -6.50 1.40
N ARG B 83 -11.52 -5.17 1.43
CA ARG B 83 -11.48 -4.47 2.69
C ARG B 83 -12.76 -4.83 3.41
N MET B 84 -12.66 -4.93 4.74
N MET B 84 -12.68 -5.02 4.73
CA MET B 84 -13.67 -5.62 5.54
CA MET B 84 -13.86 -5.49 5.44
C MET B 84 -14.07 -4.92 6.84
C MET B 84 -14.02 -4.97 6.88
N ASP B 85 -13.41 -3.82 7.16
CA ASP B 85 -13.76 -3.10 8.40
C ASP B 85 -15.03 -2.26 8.27
N GLY B 86 -15.50 -2.10 7.03
CA GLY B 86 -16.79 -1.51 6.75
C GLY B 86 -17.38 -2.19 5.51
N SER B 87 -17.82 -1.42 4.53
CA SER B 87 -18.32 -2.00 3.30
C SER B 87 -17.25 -2.71 2.51
N THR B 88 -17.61 -3.87 1.97
CA THR B 88 -16.69 -4.62 1.11
C THR B 88 -16.71 -4.11 -0.32
N TYR B 89 -17.60 -3.18 -0.60
CA TYR B 89 -17.70 -2.68 -1.97
C TYR B 89 -16.46 -1.91 -2.35
N PRO B 90 -15.82 -2.33 -3.43
CA PRO B 90 -14.53 -1.74 -3.82
C PRO B 90 -14.74 -0.50 -4.66
N PHE B 91 -15.26 0.58 -4.05
CA PHE B 91 -15.51 1.82 -4.78
C PHE B 91 -14.30 2.13 -5.69
N ASN B 92 -13.10 1.99 -5.13
CA ASN B 92 -11.89 2.47 -5.79
C ASN B 92 -11.68 1.90 -7.19
N LEU B 93 -12.12 0.67 -7.40
CA LEU B 93 -11.95 -0.02 -8.67
C LEU B 93 -12.54 0.75 -9.82
N PHE B 94 -13.60 1.52 -9.55
CA PHE B 94 -14.45 2.09 -10.58
C PHE B 94 -13.99 3.49 -11.05
N GLY B 95 -12.96 4.05 -10.40
CA GLY B 95 -12.41 5.31 -10.86
C GLY B 95 -13.40 6.45 -10.85
N ASN B 96 -13.30 7.33 -11.85
CA ASN B 96 -14.20 8.45 -11.96
C ASN B 96 -14.33 9.22 -10.67
N GLY B 97 -13.25 9.30 -9.90
CA GLY B 97 -13.24 10.05 -8.65
C GLY B 97 -13.16 9.11 -7.45
N TRP B 98 -13.65 7.88 -7.59
CA TRP B 98 -13.65 6.93 -6.50
C TRP B 98 -12.29 6.39 -6.16
N GLU B 99 -11.31 6.59 -7.04
CA GLU B 99 -10.00 5.99 -6.82
C GLU B 99 -9.30 6.62 -5.61
N LYS B 100 -9.72 7.81 -5.22
CA LYS B 100 -9.21 8.41 -3.98
C LYS B 100 -9.50 7.49 -2.79
N HIS B 101 -10.40 6.52 -2.97
CA HIS B 101 -10.75 5.62 -1.86
C HIS B 101 -10.02 4.31 -1.88
N MET B 102 -8.91 4.26 -2.62
CA MET B 102 -8.12 3.04 -2.67
C MET B 102 -7.70 2.69 -1.24
N PRO B 103 -7.82 1.44 -0.83
CA PRO B 103 -7.28 1.02 0.48
C PRO B 103 -5.77 1.06 0.50
N LYS B 104 -5.20 1.51 1.61
CA LYS B 104 -3.77 1.37 1.81
C LYS B 104 -3.49 -0.09 2.08
N LEU B 105 -2.25 -0.49 1.88
CA LEU B 105 -1.86 -1.87 2.13
C LEU B 105 -2.28 -2.34 3.51
N ASP B 106 -2.14 -1.49 4.52
CA ASP B 106 -2.42 -1.90 5.88
C ASP B 106 -3.90 -1.79 6.27
N GLN B 107 -4.78 -1.45 5.33
CA GLN B 107 -6.24 -1.54 5.54
C GLN B 107 -6.87 -2.81 4.95
N LEU B 108 -6.10 -3.56 4.20
CA LEU B 108 -6.57 -4.78 3.57
C LEU B 108 -6.29 -5.96 4.50
N PRO B 109 -7.09 -7.00 4.45
CA PRO B 109 -6.76 -8.22 5.18
C PRO B 109 -5.45 -8.77 4.68
N ILE B 110 -4.58 -9.17 5.59
CA ILE B 110 -3.33 -9.81 5.22
C ILE B 110 -3.38 -11.20 5.83
N LYS B 111 -3.73 -12.19 5.01
CA LYS B 111 -4.01 -13.50 5.55
C LYS B 111 -2.75 -14.34 5.67
N GLY B 112 -1.66 -13.85 5.08
CA GLY B 112 -0.38 -14.53 5.22
C GLY B 112 0.07 -15.23 3.95
N ASP B 113 1.28 -15.78 3.99
CA ASP B 113 1.80 -16.56 2.88
C ASP B 113 1.13 -17.92 2.80
N THR B 114 1.21 -18.54 1.63
CA THR B 114 0.69 -19.88 1.45
C THR B 114 1.88 -20.81 1.38
N ILE B 115 1.96 -21.75 2.31
CA ILE B 115 3.13 -22.63 2.38
C ILE B 115 2.69 -24.08 2.33
N ILE B 116 2.95 -24.74 1.22
CA ILE B 116 2.68 -26.16 1.08
C ILE B 116 4.00 -26.89 1.27
N GLY B 117 4.01 -27.90 2.12
CA GLY B 117 5.21 -28.63 2.46
C GLY B 117 5.64 -29.62 1.42
N ASN B 118 6.45 -30.57 1.86
CA ASN B 118 7.07 -31.59 1.00
C ASN B 118 6.27 -32.86 1.03
N ASP B 119 6.25 -33.59 -0.09
CA ASP B 119 5.62 -34.91 -0.16
C ASP B 119 4.12 -34.78 0.10
N VAL B 120 3.53 -33.63 -0.31
CA VAL B 120 2.09 -33.50 -0.23
C VAL B 120 1.33 -33.78 -1.49
N TRP B 121 0.21 -34.49 -1.33
CA TRP B 121 -0.67 -34.82 -2.44
C TRP B 121 -1.95 -34.04 -2.34
N ILE B 122 -2.16 -33.17 -3.33
CA ILE B 122 -3.38 -32.37 -3.44
C ILE B 122 -4.21 -32.92 -4.57
N GLY B 123 -5.43 -33.35 -4.26
CA GLY B 123 -6.31 -33.96 -5.21
C GLY B 123 -6.93 -33.02 -6.23
N LYS B 124 -7.51 -33.63 -7.25
CA LYS B 124 -8.25 -32.95 -8.31
C LYS B 124 -9.13 -31.84 -7.76
N ASP B 125 -9.04 -30.67 -8.39
CA ASP B 125 -10.02 -29.59 -8.21
C ASP B 125 -10.07 -28.99 -6.80
N VAL B 126 -9.05 -29.27 -6.02
CA VAL B 126 -8.91 -28.59 -4.74
C VAL B 126 -8.70 -27.08 -4.89
N VAL B 127 -9.27 -26.32 -3.97
CA VAL B 127 -8.99 -24.88 -3.89
C VAL B 127 -8.29 -24.58 -2.58
N ILE B 128 -7.11 -23.98 -2.69
CA ILE B 128 -6.35 -23.52 -1.55
C ILE B 128 -6.56 -22.02 -1.34
N MET B 129 -7.15 -21.67 -0.21
CA MET B 129 -7.51 -20.26 0.06
C MET B 129 -6.30 -19.55 0.71
N PRO B 130 -6.30 -18.22 0.71
CA PRO B 130 -5.13 -17.47 1.14
C PRO B 130 -4.63 -17.82 2.52
N GLY B 131 -3.31 -17.73 2.66
CA GLY B 131 -2.69 -17.82 3.96
C GLY B 131 -2.60 -19.22 4.54
N VAL B 132 -2.92 -20.27 3.80
CA VAL B 132 -2.90 -21.57 4.47
C VAL B 132 -1.53 -22.26 4.41
N LYS B 133 -1.27 -23.03 5.44
CA LYS B 133 -0.11 -23.89 5.53
C LYS B 133 -0.59 -25.31 5.52
N ILE B 134 0.08 -26.13 4.71
CA ILE B 134 -0.17 -27.57 4.67
C ILE B 134 1.11 -28.30 4.95
N GLY B 135 1.12 -29.09 6.03
CA GLY B 135 2.32 -29.75 6.49
C GLY B 135 2.84 -30.86 5.58
N ASP B 136 4.12 -31.17 5.75
CA ASP B 136 4.73 -32.31 5.05
C ASP B 136 3.89 -33.56 5.14
N GLY B 137 3.85 -34.31 4.04
CA GLY B 137 3.21 -35.60 3.97
C GLY B 137 1.69 -35.62 3.98
N ALA B 138 1.06 -34.45 3.98
CA ALA B 138 -0.39 -34.43 4.08
C ALA B 138 -1.05 -34.90 2.76
N ILE B 139 -2.31 -35.29 2.86
CA ILE B 139 -3.08 -35.62 1.67
C ILE B 139 -4.34 -34.80 1.75
N VAL B 140 -4.60 -34.00 0.71
CA VAL B 140 -5.87 -33.27 0.61
C VAL B 140 -6.78 -33.92 -0.41
N ALA B 141 -7.96 -34.29 0.02
CA ALA B 141 -8.90 -34.98 -0.84
C ALA B 141 -9.31 -34.10 -2.02
N ALA B 142 -9.60 -34.76 -3.15
CA ALA B 142 -10.22 -34.11 -4.29
C ALA B 142 -11.39 -33.24 -3.85
N ASN B 143 -11.49 -32.07 -4.48
CA ASN B 143 -12.61 -31.16 -4.36
C ASN B 143 -12.67 -30.43 -3.02
N SER B 144 -11.62 -30.58 -2.19
CA SER B 144 -11.56 -29.80 -0.96
C SER B 144 -11.40 -28.30 -1.21
N VAL B 145 -11.85 -27.53 -0.23
CA VAL B 145 -11.60 -26.09 -0.20
C VAL B 145 -10.96 -25.79 1.13
N VAL B 146 -9.66 -25.55 1.09
CA VAL B 146 -8.86 -25.52 2.31
C VAL B 146 -8.76 -24.07 2.80
N VAL B 147 -9.31 -23.82 3.98
CA VAL B 147 -9.34 -22.47 4.54
C VAL B 147 -8.43 -22.35 5.77
N LYS B 148 -8.25 -23.47 6.47
CA LYS B 148 -7.43 -23.54 7.68
C LYS B 148 -6.19 -24.37 7.38
N ASP B 149 -5.19 -24.28 8.25
CA ASP B 149 -3.95 -25.02 8.07
C ASP B 149 -4.21 -26.51 8.27
N ILE B 150 -3.37 -27.33 7.64
CA ILE B 150 -3.45 -28.78 7.77
C ILE B 150 -2.11 -29.26 8.26
N ALA B 151 -2.11 -30.17 9.23
CA ALA B 151 -0.91 -30.53 9.95
C ALA B 151 -0.21 -31.61 9.14
N PRO B 152 1.05 -31.85 9.45
CA PRO B 152 1.83 -32.87 8.75
C PRO B 152 1.18 -34.26 8.77
N TYR B 153 1.27 -34.97 7.64
CA TYR B 153 0.82 -36.35 7.51
C TYR B 153 -0.64 -36.51 7.96
N MET B 154 -1.44 -35.46 7.78
N MET B 154 -1.44 -35.45 7.81
CA MET B 154 -2.88 -35.58 7.98
CA MET B 154 -2.89 -35.53 7.97
C MET B 154 -3.60 -35.82 6.64
C MET B 154 -3.56 -35.87 6.64
N LEU B 155 -4.63 -36.67 6.68
CA LEU B 155 -5.62 -36.70 5.60
C LEU B 155 -6.66 -35.61 5.91
N ALA B 156 -6.91 -34.73 4.93
CA ALA B 156 -7.96 -33.71 5.09
C ALA B 156 -8.88 -33.73 3.88
N GLY B 157 -10.13 -33.33 4.10
CA GLY B 157 -11.06 -33.25 2.96
C GLY B 157 -12.23 -32.40 3.33
N GLY B 158 -12.99 -31.98 2.31
CA GLY B 158 -14.24 -31.28 2.49
C GLY B 158 -14.20 -29.80 2.15
N ASN B 159 -15.37 -29.16 2.25
CA ASN B 159 -15.51 -27.74 1.94
C ASN B 159 -16.41 -27.19 3.04
N PRO B 160 -15.82 -26.57 4.08
CA PRO B 160 -14.38 -26.33 4.20
C PRO B 160 -13.64 -27.59 4.63
N ALA B 161 -12.36 -27.71 4.32
CA ALA B 161 -11.66 -28.93 4.59
C ALA B 161 -11.41 -29.05 6.08
N ASN B 162 -11.59 -30.26 6.58
CA ASN B 162 -11.29 -30.62 7.94
C ASN B 162 -10.34 -31.78 7.96
N GLU B 163 -9.51 -31.85 8.99
CA GLU B 163 -8.65 -32.98 9.18
C GLU B 163 -9.49 -34.20 9.51
N ILE B 164 -9.32 -35.26 8.72
CA ILE B 164 -10.03 -36.51 8.90
C ILE B 164 -9.32 -37.49 9.80
N LYS B 165 -8.06 -37.76 9.53
CA LYS B 165 -7.26 -38.63 10.40
C LYS B 165 -5.79 -38.41 10.16
N GLN B 166 -5.00 -38.80 11.14
CA GLN B 166 -3.56 -38.98 10.95
C GLN B 166 -3.30 -40.17 10.04
N ARG B 167 -2.35 -40.04 9.12
CA ARG B 167 -2.05 -41.15 8.21
C ARG B 167 -1.36 -42.28 8.94
N PHE B 168 -0.46 -41.91 9.82
CA PHE B 168 0.36 -42.86 10.50
C PHE B 168 0.31 -42.51 11.98
N ASP B 169 0.97 -43.33 12.78
CA ASP B 169 1.04 -43.08 14.22
C ASP B 169 2.03 -41.95 14.49
N GLN B 170 1.92 -41.28 15.64
CA GLN B 170 2.63 -40.01 15.84
C GLN B 170 4.11 -40.24 15.83
N ASP B 171 4.51 -41.37 16.37
CA ASP B 171 5.92 -41.71 16.45
C ASP B 171 6.55 -41.81 15.08
N THR B 172 5.87 -42.51 14.18
CA THR B 172 6.26 -42.57 12.77
C THR B 172 6.34 -41.18 12.14
N ILE B 173 5.26 -40.41 12.24
CA ILE B 173 5.26 -39.01 11.77
C ILE B 173 6.46 -38.21 12.36
N ASN B 174 6.66 -38.29 13.66
CA ASN B 174 7.79 -37.60 14.27
C ASN B 174 9.12 -37.99 13.59
N GLN B 175 9.31 -39.28 13.34
CA GLN B 175 10.53 -39.76 12.74
C GLN B 175 10.67 -39.24 11.31
N LEU B 176 9.58 -39.27 10.56
CA LEU B 176 9.61 -38.78 9.18
C LEU B 176 9.94 -37.31 9.17
N LEU B 177 9.41 -36.58 10.17
CA LEU B 177 9.61 -35.15 10.21
C LEU B 177 11.04 -34.84 10.62
N ASP B 178 11.66 -35.79 11.31
CA ASP B 178 13.06 -35.68 11.70
C ASP B 178 14.00 -35.97 10.52
N ILE B 179 13.75 -37.06 9.82
CA ILE B 179 14.65 -37.49 8.76
C ILE B 179 14.63 -36.64 7.50
N LYS B 180 13.45 -36.20 7.10
CA LYS B 180 13.33 -35.34 5.93
C LYS B 180 14.04 -35.91 4.75
N TRP B 181 13.54 -37.05 4.26
CA TRP B 181 14.19 -37.71 3.13
C TRP B 181 14.19 -36.82 1.91
N TRP B 182 13.19 -35.95 1.80
CA TRP B 182 13.05 -35.09 0.65
C TRP B 182 14.17 -34.09 0.48
N ASN B 183 14.93 -33.87 1.54
CA ASN B 183 16.08 -32.98 1.46
C ASN B 183 17.40 -33.65 1.05
N TRP B 184 17.40 -34.98 0.94
CA TRP B 184 18.60 -35.73 0.57
C TRP B 184 18.85 -35.46 -0.92
N PRO B 185 20.11 -35.45 -1.33
CA PRO B 185 20.42 -35.49 -2.76
C PRO B 185 19.71 -36.64 -3.45
N ILE B 186 19.30 -36.42 -4.70
CA ILE B 186 18.56 -37.44 -5.42
C ILE B 186 19.34 -38.72 -5.64
N ASP B 187 20.66 -38.61 -5.62
CA ASP B 187 21.46 -39.80 -5.73
C ASP B 187 21.54 -40.60 -4.42
N ILE B 188 21.07 -40.01 -3.32
CA ILE B 188 20.85 -40.75 -2.09
C ILE B 188 19.39 -41.25 -1.99
N ILE B 189 18.44 -40.41 -2.38
CA ILE B 189 17.08 -40.85 -2.48
C ILE B 189 16.94 -42.10 -3.38
N ASN B 190 17.68 -42.08 -4.48
CA ASN B 190 17.62 -43.14 -5.46
C ASN B 190 17.92 -44.50 -4.89
N GLU B 191 18.72 -44.55 -3.83
CA GLU B 191 19.11 -45.83 -3.23
C GLU B 191 18.06 -46.35 -2.23
N ASN B 192 17.03 -45.54 -1.99
CA ASN B 192 16.12 -45.71 -0.85
C ASN B 192 14.60 -45.58 -1.19
N ILE B 193 14.26 -45.52 -2.48
CA ILE B 193 12.89 -45.21 -2.86
C ILE B 193 11.97 -46.29 -2.33
N ASP B 194 12.41 -47.55 -2.34
CA ASP B 194 11.55 -48.62 -1.85
C ASP B 194 11.21 -48.44 -0.36
N LYS B 195 12.19 -48.00 0.43
CA LYS B 195 11.98 -47.77 1.85
C LYS B 195 11.21 -46.47 2.14
N ILE B 196 11.36 -45.49 1.27
CA ILE B 196 10.52 -44.29 1.32
C ILE B 196 9.04 -44.60 1.02
N LEU B 197 8.83 -45.53 0.09
CA LEU B 197 7.49 -45.89 -0.31
C LEU B 197 6.75 -46.74 0.69
N ASP B 198 7.48 -47.46 1.55
CA ASP B 198 6.80 -48.30 2.54
C ASP B 198 7.06 -47.87 3.99
N ASN B 199 7.69 -46.72 4.15
CA ASN B 199 7.93 -46.12 5.47
C ASN B 199 9.01 -46.79 6.31
N SER B 200 9.67 -47.79 5.77
CA SER B 200 10.68 -48.51 6.57
C SER B 200 11.95 -47.69 6.60
N ILE B 201 11.92 -46.54 5.93
CA ILE B 201 13.05 -45.66 5.93
C ILE B 201 13.37 -45.11 7.33
N ILE B 202 12.41 -45.16 8.23
CA ILE B 202 12.68 -44.64 9.58
C ILE B 202 13.58 -45.59 10.37
N ARG B 203 13.63 -46.83 9.92
CA ARG B 203 14.52 -47.85 10.46
C ARG B 203 15.95 -47.67 9.97
N MET C 1 -20.32 12.10 -9.36
CA MET C 1 -18.96 11.57 -9.04
C MET C 1 -19.02 10.06 -8.91
N GLY C 2 -18.03 9.38 -9.51
CA GLY C 2 -18.07 7.95 -9.62
C GLY C 2 -18.63 7.52 -10.95
N PRO C 3 -18.75 6.21 -11.11
CA PRO C 3 -19.05 5.60 -12.40
C PRO C 3 -20.51 5.70 -12.76
N ASN C 4 -20.80 5.38 -13.99
CA ASN C 4 -22.15 5.43 -14.55
C ASN C 4 -22.78 4.06 -14.40
N PRO C 5 -23.77 3.95 -13.51
CA PRO C 5 -24.37 2.65 -13.22
C PRO C 5 -25.09 2.03 -14.40
N MET C 6 -25.35 2.79 -15.46
CA MET C 6 -26.06 2.21 -16.60
C MET C 6 -25.13 1.71 -17.67
N LYS C 7 -23.83 1.77 -17.39
CA LYS C 7 -22.86 1.17 -18.30
C LYS C 7 -22.62 -0.29 -17.96
N MET C 8 -22.63 -1.13 -19.00
N MET C 8 -22.73 -1.14 -18.98
CA MET C 8 -22.42 -2.56 -18.80
CA MET C 8 -22.38 -2.56 -18.85
C MET C 8 -20.97 -2.84 -18.40
C MET C 8 -20.98 -2.73 -18.30
N TYR C 9 -20.04 -2.09 -18.98
CA TYR C 9 -18.63 -2.21 -18.63
C TYR C 9 -18.14 -0.85 -18.17
N PRO C 10 -18.20 -0.57 -16.87
CA PRO C 10 -17.96 0.79 -16.38
C PRO C 10 -16.49 1.15 -16.27
N ILE C 11 -15.61 0.18 -16.24
CA ILE C 11 -14.19 0.49 -16.18
C ILE C 11 -13.56 0.37 -17.57
N GLU C 12 -13.25 1.52 -18.16
CA GLU C 12 -12.68 1.56 -19.49
C GLU C 12 -11.38 0.73 -19.55
N ASN C 14 -10.64 -2.93 -17.53
CA ASN C 14 -11.03 -4.32 -17.27
C ASN C 14 -12.46 -4.57 -17.74
N LYS C 15 -12.60 -4.99 -18.99
CA LYS C 15 -13.89 -5.45 -19.52
C LYS C 15 -14.45 -6.70 -18.82
N SER C 16 -13.77 -7.21 -17.80
CA SER C 16 -14.32 -8.31 -16.99
C SER C 16 -15.40 -7.79 -16.06
N VAL C 17 -15.23 -6.56 -15.58
CA VAL C 17 -16.08 -6.04 -14.54
C VAL C 17 -17.32 -5.44 -15.17
N GLN C 18 -18.49 -5.91 -14.72
CA GLN C 18 -19.77 -5.57 -15.33
C GLN C 18 -20.67 -5.05 -14.26
N PHE C 19 -21.45 -4.03 -14.57
CA PHE C 19 -22.58 -3.67 -13.73
C PHE C 19 -23.76 -4.55 -14.10
N ILE C 20 -24.32 -5.23 -13.11
CA ILE C 20 -25.37 -6.21 -13.37
C ILE C 20 -26.76 -5.66 -13.66
N LYS C 21 -27.05 -4.47 -13.15
CA LYS C 21 -28.38 -3.90 -13.35
C LYS C 21 -28.71 -3.71 -14.82
N PRO C 22 -27.91 -2.96 -15.57
CA PRO C 22 -28.27 -2.75 -16.97
C PRO C 22 -28.29 -4.06 -17.78
N ILE C 23 -27.49 -5.05 -17.39
CA ILE C 23 -27.52 -6.32 -18.10
C ILE C 23 -28.81 -7.08 -17.82
N LEU C 24 -29.22 -7.09 -16.57
CA LEU C 24 -30.33 -7.94 -16.16
C LEU C 24 -31.71 -7.26 -16.23
N GLU C 25 -31.75 -5.98 -16.61
CA GLU C 25 -33.01 -5.24 -16.66
C GLU C 25 -34.05 -5.80 -17.63
N LYS C 26 -33.58 -6.40 -18.73
CA LYS C 26 -34.46 -7.06 -19.69
C LYS C 26 -35.21 -8.23 -19.06
N LEU C 27 -34.72 -8.71 -17.91
CA LEU C 27 -35.14 -10.04 -17.45
C LEU C 27 -36.41 -9.96 -16.61
N GLU C 28 -37.36 -10.79 -16.99
CA GLU C 28 -38.60 -10.90 -16.27
C GLU C 28 -38.31 -11.50 -14.89
N ASN C 29 -38.92 -10.91 -13.87
CA ASN C 29 -38.90 -11.47 -12.53
C ASN C 29 -37.52 -11.39 -11.89
N VAL C 30 -36.73 -10.42 -12.32
CA VAL C 30 -35.42 -10.12 -11.73
C VAL C 30 -35.44 -8.65 -11.38
N GLU C 31 -34.97 -8.30 -10.18
CA GLU C 31 -34.80 -6.90 -9.79
C GLU C 31 -33.38 -6.77 -9.27
N VAL C 32 -32.62 -5.81 -9.80
CA VAL C 32 -31.22 -5.68 -9.37
C VAL C 32 -30.81 -4.24 -9.10
N GLY C 33 -30.07 -4.05 -8.01
CA GLY C 33 -29.70 -2.73 -7.59
C GLY C 33 -28.53 -2.17 -8.39
N GLU C 34 -28.46 -0.84 -8.34
CA GLU C 34 -27.40 -0.06 -8.91
C GLU C 34 -26.02 -0.39 -8.30
N TYR C 35 -24.99 -0.26 -9.12
CA TYR C 35 -23.60 -0.37 -8.70
C TYR C 35 -23.12 -1.79 -8.36
N SER C 36 -24.07 -2.71 -8.16
CA SER C 36 -23.69 -4.12 -8.00
C SER C 36 -23.01 -4.66 -9.25
N TYR C 37 -21.90 -5.37 -9.06
CA TYR C 37 -21.07 -5.75 -10.19
C TYR C 37 -20.73 -7.23 -10.16
N TYR C 38 -20.37 -7.72 -11.34
CA TYR C 38 -19.89 -9.09 -11.55
C TYR C 38 -18.52 -9.01 -12.21
N ASP C 39 -17.58 -9.80 -11.71
CA ASP C 39 -16.27 -9.93 -12.30
C ASP C 39 -16.21 -11.23 -13.13
N SER C 40 -16.30 -11.08 -14.45
CA SER C 40 -16.52 -12.20 -15.33
C SER C 40 -15.33 -13.15 -15.27
N LYS C 41 -15.60 -14.45 -15.37
CA LYS C 41 -14.54 -15.46 -15.30
C LYS C 41 -13.84 -15.63 -16.64
N ASN C 42 -14.63 -15.82 -17.69
CA ASN C 42 -14.08 -16.04 -19.02
C ASN C 42 -14.67 -15.10 -20.07
N GLY C 43 -15.29 -14.02 -19.63
CA GLY C 43 -15.93 -13.08 -20.53
C GLY C 43 -17.45 -13.16 -20.67
N GLU C 44 -18.07 -14.21 -20.13
CA GLU C 44 -19.52 -14.32 -20.08
C GLU C 44 -20.16 -13.15 -19.34
N THR C 45 -21.35 -12.75 -19.77
CA THR C 45 -22.14 -11.75 -19.04
C THR C 45 -23.04 -12.39 -17.99
N PHE C 46 -23.34 -11.63 -16.95
CA PHE C 46 -23.83 -12.23 -15.74
C PHE C 46 -25.19 -12.89 -15.95
N ASP C 47 -25.94 -12.46 -16.96
CA ASP C 47 -27.22 -13.11 -17.27
C ASP C 47 -27.10 -14.60 -17.56
N LYS C 48 -25.94 -15.02 -18.06
CA LYS C 48 -25.67 -16.42 -18.31
C LYS C 48 -25.47 -17.26 -17.03
N GLN C 49 -25.28 -16.58 -15.90
CA GLN C 49 -25.05 -17.17 -14.58
C GLN C 49 -26.32 -17.41 -13.77
N ILE C 50 -27.46 -16.99 -14.31
CA ILE C 50 -28.74 -17.21 -13.68
C ILE C 50 -29.47 -18.36 -14.38
N LEU C 51 -29.62 -19.46 -13.67
CA LEU C 51 -29.97 -20.73 -14.32
C LEU C 51 -31.37 -21.16 -13.92
N TYR C 52 -32.08 -21.80 -14.85
CA TYR C 52 -33.35 -22.40 -14.55
C TYR C 52 -34.37 -21.40 -14.03
N HIS C 53 -34.37 -20.22 -14.61
CA HIS C 53 -35.31 -19.20 -14.24
C HIS C 53 -36.40 -19.12 -15.29
N TYR C 54 -37.56 -19.71 -14.95
CA TYR C 54 -38.67 -19.82 -15.88
C TYR C 54 -39.87 -19.00 -15.39
N PRO C 55 -40.32 -18.06 -16.20
CA PRO C 55 -41.44 -17.19 -15.80
C PRO C 55 -42.66 -17.94 -15.29
N ILE C 56 -42.95 -19.09 -15.88
CA ILE C 56 -44.15 -19.83 -15.50
C ILE C 56 -44.12 -20.22 -14.02
N LEU C 57 -42.93 -20.37 -13.45
CA LEU C 57 -42.81 -20.82 -12.06
C LEU C 57 -42.99 -19.65 -11.08
N ASN C 58 -42.89 -18.44 -11.60
CA ASN C 58 -43.19 -17.21 -10.87
C ASN C 58 -42.29 -16.91 -9.67
N ASP C 59 -41.22 -17.67 -9.51
CA ASP C 59 -40.17 -17.31 -8.56
C ASP C 59 -39.37 -16.06 -9.00
N LYS C 60 -39.03 -15.21 -8.03
CA LYS C 60 -38.32 -13.96 -8.31
C LYS C 60 -36.90 -14.01 -7.80
N LEU C 61 -36.03 -13.32 -8.51
CA LEU C 61 -34.68 -13.02 -8.05
C LEU C 61 -34.57 -11.52 -7.78
N LYS C 62 -34.04 -11.18 -6.60
CA LYS C 62 -33.73 -9.81 -6.23
C LYS C 62 -32.30 -9.75 -5.70
N ILE C 63 -31.54 -8.82 -6.25
CA ILE C 63 -30.20 -8.50 -5.78
C ILE C 63 -30.15 -7.02 -5.42
N GLY C 64 -29.57 -6.70 -4.26
CA GLY C 64 -29.53 -5.32 -3.84
C GLY C 64 -28.41 -4.52 -4.50
N LYS C 65 -28.12 -3.35 -3.92
CA LYS C 65 -27.20 -2.37 -4.48
C LYS C 65 -25.83 -2.62 -3.84
N PHE C 66 -24.79 -2.15 -4.51
CA PHE C 66 -23.44 -2.21 -4.01
C PHE C 66 -23.05 -3.62 -3.60
N CYS C 67 -23.47 -4.60 -4.39
CA CYS C 67 -22.97 -5.96 -4.21
C CYS C 67 -21.72 -6.24 -5.04
N SER C 68 -20.89 -7.17 -4.56
CA SER C 68 -19.71 -7.60 -5.25
C SER C 68 -19.87 -9.10 -5.53
N ILE C 69 -19.91 -9.47 -6.81
CA ILE C 69 -20.10 -10.86 -7.19
C ILE C 69 -18.89 -11.36 -7.97
N GLY C 70 -18.24 -12.38 -7.42
CA GLY C 70 -17.04 -12.87 -8.03
C GLY C 70 -17.28 -13.83 -9.18
N PRO C 71 -16.21 -14.13 -9.91
CA PRO C 71 -16.31 -14.86 -11.18
C PRO C 71 -16.85 -16.25 -10.96
N GLY C 72 -17.79 -16.65 -11.80
CA GLY C 72 -18.28 -18.01 -11.80
C GLY C 72 -19.43 -18.31 -10.87
N VAL C 73 -19.81 -17.34 -10.04
CA VAL C 73 -21.03 -17.43 -9.22
C VAL C 73 -22.21 -17.86 -10.10
N THR C 74 -22.99 -18.83 -9.64
CA THR C 74 -24.24 -19.17 -10.31
C THR C 74 -25.40 -19.05 -9.34
N ILE C 75 -26.54 -18.66 -9.87
CA ILE C 75 -27.76 -18.55 -9.13
C ILE C 75 -28.74 -19.55 -9.76
N ILE C 76 -29.16 -20.51 -8.94
CA ILE C 76 -30.05 -21.59 -9.39
C ILE C 76 -31.46 -21.24 -8.98
N MET C 77 -32.35 -21.03 -9.95
CA MET C 77 -33.74 -20.76 -9.64
C MET C 77 -34.49 -22.10 -9.69
N ASN C 78 -35.81 -22.10 -9.68
CA ASN C 78 -36.57 -23.32 -9.32
C ASN C 78 -36.77 -24.30 -10.47
N GLY C 79 -36.27 -23.95 -11.66
CA GLY C 79 -36.61 -24.63 -12.90
C GLY C 79 -36.00 -26.03 -13.02
N ALA C 80 -35.01 -26.34 -12.20
CA ALA C 80 -34.42 -27.69 -12.23
C ALA C 80 -34.95 -28.62 -11.15
N ASN C 81 -35.95 -28.17 -10.39
CA ASN C 81 -36.54 -29.01 -9.37
C ASN C 81 -37.20 -30.22 -10.04
N HIS C 82 -37.00 -31.40 -9.49
CA HIS C 82 -37.82 -32.55 -9.85
C HIS C 82 -39.07 -32.67 -8.99
N ARG C 83 -40.10 -33.29 -9.54
CA ARG C 83 -41.21 -33.75 -8.73
C ARG C 83 -40.72 -34.80 -7.75
N MET C 84 -41.22 -34.73 -6.51
N MET C 84 -41.10 -34.71 -6.49
CA MET C 84 -40.58 -35.43 -5.40
CA MET C 84 -40.55 -35.64 -5.51
C MET C 84 -41.51 -36.18 -4.45
C MET C 84 -41.51 -36.18 -4.46
N ASP C 85 -42.82 -36.16 -4.73
CA ASP C 85 -43.75 -36.84 -3.85
C ASP C 85 -43.74 -38.34 -4.11
N GLY C 86 -43.10 -38.75 -5.21
CA GLY C 86 -42.82 -40.15 -5.48
C GLY C 86 -41.52 -40.28 -6.25
N SER C 87 -41.53 -41.00 -7.37
CA SER C 87 -40.32 -41.09 -8.16
C SER C 87 -39.90 -39.73 -8.69
N THR C 88 -38.60 -39.46 -8.66
CA THR C 88 -38.05 -38.26 -9.26
C THR C 88 -37.76 -38.41 -10.77
N TYR C 89 -38.04 -39.56 -11.35
CA TYR C 89 -37.74 -39.78 -12.76
C TYR C 89 -38.73 -39.03 -13.61
N PRO C 90 -38.24 -38.19 -14.52
CA PRO C 90 -39.11 -37.31 -15.30
C PRO C 90 -39.62 -37.99 -16.55
N PHE C 91 -40.54 -38.95 -16.39
CA PHE C 91 -41.10 -39.70 -17.51
C PHE C 91 -41.50 -38.79 -18.64
N ASN C 92 -42.15 -37.68 -18.27
CA ASN C 92 -42.72 -36.77 -19.22
C ASN C 92 -41.73 -36.29 -20.33
N LEU C 93 -40.46 -36.22 -19.98
CA LEU C 93 -39.44 -35.62 -20.82
C LEU C 93 -39.26 -36.41 -22.12
N PHE C 94 -39.58 -37.69 -22.07
CA PHE C 94 -39.17 -38.61 -23.13
C PHE C 94 -40.20 -38.86 -24.21
N GLY C 95 -41.40 -38.29 -24.11
CA GLY C 95 -42.43 -38.55 -25.11
C GLY C 95 -42.80 -40.02 -25.30
N ASN C 96 -43.19 -40.36 -26.51
CA ASN C 96 -43.57 -41.71 -26.85
C ASN C 96 -44.73 -42.19 -25.98
N GLY C 97 -45.52 -41.22 -25.49
CA GLY C 97 -46.74 -41.53 -24.76
C GLY C 97 -46.59 -41.13 -23.31
N TRP C 98 -45.35 -40.98 -22.86
CA TRP C 98 -45.09 -40.56 -21.48
C TRP C 98 -45.37 -39.07 -21.24
N GLU C 99 -45.59 -38.32 -22.31
CA GLU C 99 -45.76 -36.90 -22.20
C GLU C 99 -47.08 -36.57 -21.51
N LYS C 100 -47.96 -37.56 -21.40
CA LYS C 100 -49.19 -37.40 -20.63
C LYS C 100 -48.94 -37.31 -19.11
N HIS C 101 -47.72 -37.55 -18.66
CA HIS C 101 -47.43 -37.56 -17.24
C HIS C 101 -46.72 -36.28 -16.81
N MET C 102 -46.95 -35.19 -17.53
CA MET C 102 -46.35 -33.90 -17.18
C MET C 102 -46.88 -33.46 -15.80
N PRO C 103 -46.01 -33.00 -14.93
CA PRO C 103 -46.42 -32.52 -13.60
C PRO C 103 -47.23 -31.25 -13.70
N LYS C 104 -48.25 -31.10 -12.86
CA LYS C 104 -48.94 -29.83 -12.70
C LYS C 104 -48.01 -28.84 -12.03
N LEU C 105 -48.24 -27.56 -12.22
CA LEU C 105 -47.40 -26.59 -11.50
C LEU C 105 -47.43 -26.85 -10.00
N ASP C 106 -48.60 -27.20 -9.49
CA ASP C 106 -48.72 -27.41 -8.05
C ASP C 106 -48.06 -28.70 -7.54
N GLN C 107 -47.48 -29.50 -8.44
CA GLN C 107 -46.80 -30.71 -8.00
C GLN C 107 -45.28 -30.51 -8.00
N LEU C 108 -44.82 -29.36 -8.47
CA LEU C 108 -43.40 -29.10 -8.46
C LEU C 108 -43.06 -28.41 -7.14
N PRO C 109 -41.95 -28.80 -6.52
CA PRO C 109 -41.48 -28.07 -5.35
C PRO C 109 -41.35 -26.60 -5.70
N ILE C 110 -41.83 -25.69 -4.86
CA ILE C 110 -41.46 -24.28 -5.02
C ILE C 110 -40.71 -23.85 -3.77
N LYS C 111 -39.43 -23.59 -3.92
CA LYS C 111 -38.59 -23.40 -2.75
C LYS C 111 -38.55 -21.94 -2.36
N GLY C 112 -39.19 -21.08 -3.15
CA GLY C 112 -39.30 -19.67 -2.80
C GLY C 112 -38.49 -18.77 -3.70
N ASP C 113 -38.50 -17.47 -3.40
CA ASP C 113 -37.72 -16.48 -4.14
C ASP C 113 -36.28 -16.46 -3.62
N THR C 114 -35.37 -15.96 -4.43
CA THR C 114 -33.98 -15.76 -4.02
C THR C 114 -33.76 -14.27 -3.85
N ILE C 115 -33.37 -13.87 -2.65
CA ILE C 115 -33.26 -12.46 -2.34
C ILE C 115 -31.87 -12.21 -1.74
N ILE C 116 -31.02 -11.50 -2.48
CA ILE C 116 -29.70 -11.11 -2.02
C ILE C 116 -29.75 -9.62 -1.67
N GLY C 117 -29.33 -9.29 -0.46
CA GLY C 117 -29.49 -7.94 0.02
C GLY C 117 -28.49 -6.98 -0.58
N ASN C 118 -28.23 -5.92 0.18
CA ASN C 118 -27.36 -4.85 -0.24
C ASN C 118 -25.98 -5.03 0.40
N ASP C 119 -24.96 -4.51 -0.25
CA ASP C 119 -23.60 -4.53 0.27
C ASP C 119 -23.14 -5.95 0.58
N VAL C 120 -23.53 -6.89 -0.27
CA VAL C 120 -23.17 -8.29 -0.10
C VAL C 120 -22.01 -8.66 -1.05
N TRP C 121 -21.03 -9.38 -0.52
CA TRP C 121 -19.90 -9.89 -1.30
C TRP C 121 -20.05 -11.40 -1.42
N ILE C 122 -20.27 -11.87 -2.63
CA ILE C 122 -20.33 -13.28 -2.94
C ILE C 122 -19.06 -13.70 -3.67
N GLY C 123 -18.30 -14.61 -3.06
CA GLY C 123 -17.01 -14.99 -3.57
C GLY C 123 -17.03 -15.86 -4.81
N LYS C 124 -15.85 -16.06 -5.36
CA LYS C 124 -15.65 -16.82 -6.61
C LYS C 124 -16.35 -18.16 -6.51
N ASP C 125 -17.02 -18.55 -7.60
CA ASP C 125 -17.54 -19.90 -7.77
C ASP C 125 -18.53 -20.33 -6.73
N VAL C 126 -19.15 -19.39 -6.05
CA VAL C 126 -20.27 -19.72 -5.17
C VAL C 126 -21.48 -20.22 -5.98
N VAL C 127 -22.21 -21.18 -5.41
CA VAL C 127 -23.52 -21.53 -5.98
C VAL C 127 -24.63 -21.15 -5.02
N ILE C 128 -25.60 -20.39 -5.49
CA ILE C 128 -26.75 -20.02 -4.68
C ILE C 128 -27.94 -20.85 -5.15
N MET C 129 -28.43 -21.68 -4.26
CA MET C 129 -29.48 -22.64 -4.60
C MET C 129 -30.84 -21.97 -4.36
N PRO C 130 -31.91 -22.61 -4.84
CA PRO C 130 -33.20 -21.93 -4.87
C PRO C 130 -33.74 -21.52 -3.50
N GLY C 131 -34.41 -20.37 -3.48
CA GLY C 131 -35.21 -19.99 -2.34
C GLY C 131 -34.39 -19.36 -1.20
N VAL C 132 -33.11 -19.06 -1.46
CA VAL C 132 -32.22 -18.51 -0.42
C VAL C 132 -32.37 -16.99 -0.26
N LYS C 133 -32.27 -16.55 0.98
CA LYS C 133 -32.19 -15.12 1.31
C LYS C 133 -30.85 -14.87 1.97
N ILE C 134 -30.14 -13.86 1.49
CA ILE C 134 -28.85 -13.47 2.07
C ILE C 134 -28.96 -12.03 2.53
N GLY C 135 -28.77 -11.80 3.83
CA GLY C 135 -29.02 -10.48 4.39
C GLY C 135 -27.99 -9.43 3.97
N ASP C 136 -28.32 -8.18 4.22
CA ASP C 136 -27.47 -7.05 3.89
C ASP C 136 -26.12 -7.24 4.53
N GLY C 137 -25.07 -6.86 3.81
CA GLY C 137 -23.73 -6.82 4.41
C GLY C 137 -23.06 -8.16 4.64
N ALA C 138 -23.70 -9.24 4.20
CA ALA C 138 -23.11 -10.57 4.34
C ALA C 138 -21.87 -10.77 3.44
N ILE C 139 -21.03 -11.72 3.84
CA ILE C 139 -19.94 -12.22 3.00
C ILE C 139 -20.08 -13.72 2.86
N VAL C 140 -20.10 -14.19 1.62
CA VAL C 140 -20.14 -15.62 1.37
C VAL C 140 -18.79 -16.02 0.78
N ALA C 141 -18.10 -16.94 1.45
CA ALA C 141 -16.76 -17.33 1.05
C ALA C 141 -16.80 -17.98 -0.31
N ALA C 142 -15.72 -17.81 -1.05
CA ALA C 142 -15.51 -18.56 -2.29
C ALA C 142 -15.87 -20.04 -2.15
N ASN C 143 -16.42 -20.57 -3.23
CA ASN C 143 -16.78 -21.96 -3.36
C ASN C 143 -17.87 -22.45 -2.42
N SER C 144 -18.57 -21.53 -1.77
CA SER C 144 -19.71 -21.91 -0.93
C SER C 144 -20.85 -22.45 -1.79
N VAL C 145 -21.65 -23.30 -1.19
CA VAL C 145 -22.90 -23.69 -1.78
C VAL C 145 -24.00 -23.35 -0.79
N VAL C 146 -24.80 -22.34 -1.12
CA VAL C 146 -25.70 -21.74 -0.14
C VAL C 146 -27.09 -22.37 -0.28
N VAL C 147 -27.53 -23.07 0.75
CA VAL C 147 -28.79 -23.80 0.69
C VAL C 147 -29.78 -23.25 1.67
N LYS C 148 -29.28 -22.58 2.70
CA LYS C 148 -30.13 -21.95 3.70
C LYS C 148 -29.85 -20.45 3.75
N ASP C 149 -30.75 -19.73 4.40
CA ASP C 149 -30.62 -18.30 4.49
C ASP C 149 -29.39 -17.92 5.30
N ILE C 150 -28.82 -16.77 4.97
CA ILE C 150 -27.70 -16.21 5.72
C ILE C 150 -28.13 -14.86 6.24
N ALA C 151 -27.91 -14.64 7.54
CA ALA C 151 -28.35 -13.43 8.20
C ALA C 151 -27.52 -12.22 7.81
N PRO C 152 -27.98 -11.01 8.14
CA PRO C 152 -27.20 -9.83 7.78
C PRO C 152 -25.82 -9.79 8.47
N TYR C 153 -24.85 -9.30 7.71
CA TYR C 153 -23.52 -8.99 8.22
C TYR C 153 -22.92 -10.26 8.84
N MET C 154 -23.31 -11.42 8.32
N MET C 154 -23.32 -11.41 8.32
CA MET C 154 -22.63 -12.67 8.65
CA MET C 154 -22.64 -12.68 8.62
C MET C 154 -21.57 -13.01 7.61
C MET C 154 -21.52 -12.91 7.62
N LEU C 155 -20.46 -13.60 8.08
CA LEU C 155 -19.57 -14.34 7.19
C LEU C 155 -20.07 -15.76 7.18
N ALA C 156 -20.24 -16.29 6.00
CA ALA C 156 -20.69 -17.66 5.84
C ALA C 156 -19.81 -18.34 4.83
N GLY C 157 -19.68 -19.65 4.97
CA GLY C 157 -18.91 -20.45 4.03
C GLY C 157 -19.15 -21.94 4.10
N GLY C 158 -18.75 -22.62 3.03
CA GLY C 158 -18.77 -24.08 2.97
C GLY C 158 -19.83 -24.66 2.04
N ASN C 159 -19.88 -25.98 2.00
CA ASN C 159 -20.87 -26.71 1.22
C ASN C 159 -21.37 -27.86 2.06
N PRO C 160 -22.52 -27.70 2.70
CA PRO C 160 -23.37 -26.51 2.56
C PRO C 160 -22.84 -25.34 3.38
N ALA C 161 -23.24 -24.13 3.00
CA ALA C 161 -22.74 -22.93 3.63
C ALA C 161 -23.33 -22.77 5.03
N ASN C 162 -22.46 -22.58 5.99
CA ASN C 162 -22.88 -22.29 7.35
C ASN C 162 -22.39 -20.92 7.75
N GLU C 163 -23.10 -20.31 8.70
CA GLU C 163 -22.66 -19.06 9.27
C GLU C 163 -21.44 -19.30 10.13
N ILE C 164 -20.38 -18.56 9.86
CA ILE C 164 -19.16 -18.74 10.62
C ILE C 164 -19.12 -17.78 11.78
N LYS C 165 -19.33 -16.50 11.49
CA LYS C 165 -19.41 -15.51 12.55
C LYS C 165 -20.06 -14.23 12.10
N GLN C 166 -20.59 -13.48 13.06
CA GLN C 166 -20.95 -12.09 12.79
C GLN C 166 -19.72 -11.24 12.50
N ARG C 167 -19.79 -10.41 11.46
CA ARG C 167 -18.67 -9.57 11.06
C ARG C 167 -18.33 -8.51 12.12
N PHE C 168 -19.37 -7.93 12.70
CA PHE C 168 -19.21 -6.81 13.62
C PHE C 168 -20.02 -7.15 14.85
N ASP C 169 -19.93 -6.32 15.88
CA ASP C 169 -20.78 -6.47 17.06
C ASP C 169 -22.26 -6.28 16.72
N GLN C 170 -23.16 -6.99 17.40
CA GLN C 170 -24.61 -6.86 17.11
C GLN C 170 -25.03 -5.40 17.03
N ASP C 171 -24.44 -4.56 17.87
CA ASP C 171 -24.93 -3.21 18.00
C ASP C 171 -24.60 -2.39 16.78
N THR C 172 -23.39 -2.56 16.29
CA THR C 172 -22.98 -1.94 15.06
C THR C 172 -23.86 -2.43 13.91
N ILE C 173 -24.18 -3.72 13.92
CA ILE C 173 -25.00 -4.32 12.86
C ILE C 173 -26.38 -3.68 12.82
N ASN C 174 -27.01 -3.54 13.99
CA ASN C 174 -28.33 -2.94 14.08
C ASN C 174 -28.33 -1.47 13.63
N GLN C 175 -27.27 -0.75 13.95
CA GLN C 175 -27.13 0.63 13.52
C GLN C 175 -26.98 0.75 11.99
N LEU C 176 -26.22 -0.16 11.41
CA LEU C 176 -26.02 -0.21 9.96
C LEU C 176 -27.30 -0.57 9.24
N LEU C 177 -28.04 -1.52 9.82
CA LEU C 177 -29.33 -1.88 9.28
C LEU C 177 -30.36 -0.76 9.45
N ASP C 178 -30.21 0.03 10.50
CA ASP C 178 -31.08 1.19 10.72
C ASP C 178 -30.83 2.26 9.66
N ILE C 179 -29.57 2.52 9.32
CA ILE C 179 -29.31 3.69 8.49
C ILE C 179 -29.34 3.42 6.98
N LYS C 180 -29.03 2.18 6.58
CA LYS C 180 -29.11 1.78 5.17
C LYS C 180 -28.46 2.82 4.25
N TRP C 181 -27.14 2.94 4.35
CA TRP C 181 -26.39 3.93 3.59
C TRP C 181 -26.54 3.74 2.08
N TRP C 182 -26.74 2.49 1.66
CA TRP C 182 -26.93 2.15 0.26
C TRP C 182 -28.16 2.80 -0.36
N ASN C 183 -29.10 3.25 0.46
CA ASN C 183 -30.31 3.92 -0.04
C ASN C 183 -30.21 5.44 0.02
N TRP C 184 -29.07 5.95 0.48
CA TRP C 184 -28.87 7.39 0.53
C TRP C 184 -28.78 7.89 -0.90
N PRO C 185 -29.12 9.15 -1.11
CA PRO C 185 -28.73 9.82 -2.36
C PRO C 185 -27.23 9.66 -2.64
N ILE C 186 -26.85 9.54 -3.90
CA ILE C 186 -25.47 9.27 -4.26
C ILE C 186 -24.54 10.41 -3.90
N ASP C 187 -25.03 11.64 -3.90
CA ASP C 187 -24.18 12.77 -3.56
C ASP C 187 -23.84 12.73 -2.08
N ILE C 188 -24.74 12.13 -1.29
CA ILE C 188 -24.48 11.87 0.12
C ILE C 188 -23.58 10.67 0.33
N ILE C 189 -23.80 9.58 -0.39
CA ILE C 189 -22.83 8.49 -0.37
C ILE C 189 -21.45 9.03 -0.73
N ASN C 190 -21.37 9.81 -1.80
CA ASN C 190 -20.09 10.32 -2.27
C ASN C 190 -19.33 11.15 -1.23
N GLU C 191 -20.06 11.83 -0.34
CA GLU C 191 -19.46 12.63 0.73
C GLU C 191 -18.95 11.76 1.89
N ASN C 192 -19.31 10.49 1.90
CA ASN C 192 -19.18 9.68 3.10
C ASN C 192 -18.57 8.30 2.87
N ILE C 193 -17.93 8.10 1.71
CA ILE C 193 -17.43 6.76 1.37
C ILE C 193 -16.34 6.33 2.34
N ASP C 194 -15.48 7.25 2.77
CA ASP C 194 -14.43 6.81 3.68
C ASP C 194 -15.07 6.33 4.99
N LYS C 195 -16.19 6.93 5.38
CA LYS C 195 -16.85 6.54 6.64
C LYS C 195 -17.70 5.27 6.47
N ILE C 196 -18.18 5.04 5.26
CA ILE C 196 -18.87 3.78 4.94
C ILE C 196 -17.86 2.65 4.92
N LEU C 197 -16.63 2.99 4.52
CA LEU C 197 -15.57 2.01 4.42
C LEU C 197 -14.96 1.65 5.77
N ASP C 198 -15.11 2.51 6.77
CA ASP C 198 -14.58 2.17 8.08
C ASP C 198 -15.62 2.03 9.15
N ASN C 199 -16.88 2.10 8.77
CA ASN C 199 -18.02 1.91 9.68
C ASN C 199 -18.23 3.08 10.65
N SER C 200 -17.54 4.18 10.44
CA SER C 200 -17.69 5.33 11.34
C SER C 200 -18.93 6.16 10.99
N ILE C 201 -19.65 5.72 9.95
CA ILE C 201 -20.99 6.22 9.71
C ILE C 201 -21.93 6.02 10.88
N ILE C 202 -21.76 4.96 11.65
CA ILE C 202 -22.71 4.69 12.73
C ILE C 202 -22.64 5.80 13.78
N ARG C 203 -21.58 6.59 13.74
CA ARG C 203 -21.32 7.63 14.74
C ARG C 203 -19.86 7.63 15.20
N MET D 1 10.76 15.79 43.46
CA MET D 1 11.51 17.05 43.18
C MET D 1 11.56 17.25 41.67
N GLY D 2 11.32 18.48 41.22
CA GLY D 2 11.40 18.77 39.81
C GLY D 2 10.02 18.72 39.19
N PRO D 3 9.94 19.03 37.90
CA PRO D 3 8.65 19.14 37.21
C PRO D 3 8.01 17.80 36.93
N ASN D 4 6.76 17.84 36.53
CA ASN D 4 5.96 16.65 36.31
C ASN D 4 6.08 16.26 34.85
N PRO D 5 6.74 15.17 34.55
CA PRO D 5 7.04 14.88 33.14
C PRO D 5 5.83 14.53 32.28
N MET D 6 4.68 14.32 32.89
CA MET D 6 3.50 13.97 32.13
C MET D 6 2.64 15.19 31.77
N LYS D 7 3.07 16.38 32.20
CA LYS D 7 2.42 17.62 31.75
C LYS D 7 2.97 18.11 30.42
N MET D 8 2.09 18.29 29.45
N MET D 8 2.09 18.34 29.46
CA MET D 8 2.41 18.97 28.19
CA MET D 8 2.54 18.92 28.22
C MET D 8 3.12 20.31 28.47
C MET D 8 3.10 20.32 28.43
N TYR D 9 2.54 21.06 29.39
CA TYR D 9 3.04 22.41 29.75
C TYR D 9 3.49 22.44 31.20
N PRO D 10 4.72 22.03 31.42
CA PRO D 10 5.17 21.77 32.80
C PRO D 10 5.39 23.04 33.63
N ILE D 11 5.58 24.17 32.96
CA ILE D 11 5.85 25.44 33.68
C ILE D 11 4.64 26.37 33.60
N GLU D 12 3.91 26.56 34.70
CA GLU D 12 2.92 27.64 34.75
C GLU D 12 3.56 28.96 34.29
N GLY D 13 2.77 29.84 33.69
CA GLY D 13 2.96 30.28 32.30
C GLY D 13 4.38 30.62 31.81
N ASN D 14 5.10 29.58 31.39
CA ASN D 14 5.97 29.69 30.23
C ASN D 14 5.48 28.67 29.23
N LYS D 15 4.31 28.93 28.64
CA LYS D 15 3.58 27.92 27.88
C LYS D 15 4.34 27.46 26.61
N SER D 16 5.41 28.15 26.26
CA SER D 16 6.18 27.78 25.08
C SER D 16 6.88 26.48 25.32
N VAL D 17 7.23 26.22 26.58
CA VAL D 17 8.04 25.06 26.93
C VAL D 17 7.11 23.85 27.10
N GLN D 18 7.37 22.81 26.32
CA GLN D 18 6.54 21.63 26.26
C GLN D 18 7.39 20.43 26.64
N PHE D 19 6.82 19.49 27.41
CA PHE D 19 7.40 18.16 27.46
C PHE D 19 6.93 17.31 26.34
N ILE D 20 7.87 16.73 25.62
CA ILE D 20 7.48 16.07 24.37
C ILE D 20 6.91 14.68 24.56
N LYS D 21 7.32 13.96 25.59
CA LYS D 21 6.82 12.60 25.77
C LYS D 21 5.31 12.53 25.85
N PRO D 22 4.66 13.31 26.72
CA PRO D 22 3.21 13.24 26.81
C PRO D 22 2.47 13.69 25.54
N ILE D 23 3.09 14.58 24.80
CA ILE D 23 2.48 15.04 23.55
C ILE D 23 2.54 13.98 22.49
N LEU D 24 3.68 13.31 22.39
CA LEU D 24 3.90 12.37 21.31
C LEU D 24 3.50 10.94 21.62
N GLU D 25 2.96 10.71 22.82
CA GLU D 25 2.64 9.35 23.26
C GLU D 25 1.60 8.75 22.31
N LYS D 26 0.69 9.58 21.82
CA LYS D 26 -0.34 9.14 20.88
C LYS D 26 0.19 8.57 19.56
N LEU D 27 1.43 8.88 19.22
CA LEU D 27 1.90 8.60 17.86
C LEU D 27 2.47 7.21 17.75
N GLU D 28 2.10 6.52 16.69
CA GLU D 28 2.58 5.16 16.46
C GLU D 28 4.01 5.19 15.96
N ASN D 29 4.80 4.21 16.38
CA ASN D 29 6.19 4.09 15.97
C ASN D 29 7.07 5.26 16.40
N VAL D 30 6.70 5.86 17.54
CA VAL D 30 7.50 6.90 18.18
C VAL D 30 7.73 6.48 19.64
N GLU D 31 8.96 6.64 20.10
CA GLU D 31 9.28 6.44 21.52
C GLU D 31 10.06 7.65 21.98
N VAL D 32 9.65 8.24 23.09
CA VAL D 32 10.26 9.50 23.51
C VAL D 32 10.52 9.47 25.00
N GLY D 33 11.68 9.96 25.41
CA GLY D 33 12.07 9.93 26.81
C GLY D 33 11.47 11.07 27.62
N GLU D 34 11.31 10.79 28.91
CA GLU D 34 10.89 11.78 29.88
C GLU D 34 11.87 12.95 30.04
N TYR D 35 11.28 14.10 30.34
CA TYR D 35 11.96 15.37 30.58
C TYR D 35 12.49 16.06 29.35
N SER D 36 12.56 15.35 28.22
CA SER D 36 12.90 16.04 26.98
C SER D 36 11.87 17.07 26.62
N TYR D 37 12.33 18.26 26.27
CA TYR D 37 11.43 19.35 26.06
C TYR D 37 11.62 20.04 24.69
N TYR D 38 10.55 20.71 24.25
CA TYR D 38 10.54 21.55 23.06
C TYR D 38 10.19 22.98 23.45
N ASP D 39 10.85 23.95 22.83
CA ASP D 39 10.51 25.34 23.09
C ASP D 39 9.81 25.89 21.84
N SER D 40 8.47 26.05 21.92
CA SER D 40 7.62 26.32 20.77
C SER D 40 7.98 27.65 20.09
N LYS D 41 7.90 27.72 18.78
CA LYS D 41 8.23 28.92 18.01
C LYS D 41 7.06 29.91 18.04
N ASN D 42 5.87 29.42 17.73
CA ASN D 42 4.67 30.26 17.58
C ASN D 42 3.45 29.62 18.24
N GLY D 43 3.69 28.63 19.09
CA GLY D 43 2.62 28.01 19.87
C GLY D 43 2.25 26.60 19.42
N GLU D 44 2.81 26.17 18.31
CA GLU D 44 2.52 24.85 17.77
C GLU D 44 3.06 23.84 18.79
N THR D 45 2.39 22.71 18.90
CA THR D 45 2.88 21.60 19.70
C THR D 45 3.80 20.71 18.88
N PHE D 46 4.68 20.00 19.57
CA PHE D 46 5.78 19.35 18.90
C PHE D 46 5.38 18.22 17.97
N ASP D 47 4.20 17.62 18.19
CA ASP D 47 3.69 16.62 17.29
C ASP D 47 3.56 17.17 15.88
N LYS D 48 3.34 18.47 15.78
CA LYS D 48 3.29 19.13 14.45
C LYS D 48 4.62 19.20 13.72
N GLN D 49 5.71 18.95 14.43
CA GLN D 49 7.04 19.05 13.85
C GLN D 49 7.56 17.73 13.30
N ILE D 50 6.82 16.65 13.52
CA ILE D 50 7.19 15.34 13.04
C ILE D 50 6.46 15.11 11.71
N LEU D 51 7.22 15.04 10.63
CA LEU D 51 6.68 15.16 9.29
C LEU D 51 6.87 13.86 8.52
N TYR D 52 5.87 13.50 7.72
CA TYR D 52 6.01 12.38 6.79
C TYR D 52 6.24 11.05 7.49
N HIS D 53 5.61 10.90 8.64
CA HIS D 53 5.69 9.66 9.42
C HIS D 53 4.44 8.81 9.24
N TYR D 54 4.56 7.77 8.41
CA TYR D 54 3.44 6.91 8.06
C TYR D 54 3.66 5.50 8.57
N PRO D 55 2.70 4.97 9.31
CA PRO D 55 2.86 3.64 9.89
C PRO D 55 3.22 2.60 8.86
N ILE D 56 2.65 2.71 7.67
CA ILE D 56 2.84 1.70 6.65
C ILE D 56 4.30 1.52 6.23
N LEU D 57 5.12 2.55 6.44
CA LEU D 57 6.51 2.50 6.04
C LEU D 57 7.39 1.93 7.14
N ASN D 58 6.78 1.79 8.32
CA ASN D 58 7.37 1.04 9.45
C ASN D 58 8.68 1.61 9.98
N ASP D 59 9.05 2.80 9.55
CA ASP D 59 10.19 3.48 10.20
C ASP D 59 9.84 3.98 11.59
N LYS D 60 10.80 3.91 12.51
CA LYS D 60 10.59 4.32 13.89
C LYS D 60 11.38 5.59 14.20
N LEU D 61 10.81 6.43 15.06
CA LEU D 61 11.49 7.59 15.61
C LEU D 61 11.65 7.33 17.11
N LYS D 62 12.89 7.46 17.59
CA LYS D 62 13.22 7.40 19.00
C LYS D 62 13.97 8.67 19.42
N ILE D 63 13.49 9.25 20.53
CA ILE D 63 14.15 10.39 21.14
C ILE D 63 14.38 10.05 22.61
N GLY D 64 15.60 10.30 23.08
CA GLY D 64 15.95 9.98 24.44
C GLY D 64 15.39 10.95 25.48
N LYS D 65 15.94 10.82 26.69
CA LYS D 65 15.55 11.57 27.87
C LYS D 65 16.41 12.82 27.97
N PHE D 66 15.90 13.84 28.65
CA PHE D 66 16.66 15.07 28.97
C PHE D 66 17.23 15.77 27.73
N CYS D 67 16.51 15.69 26.60
CA CYS D 67 16.88 16.45 25.40
C CYS D 67 16.31 17.84 25.44
N SER D 68 17.00 18.76 24.76
CA SER D 68 16.58 20.14 24.61
C SER D 68 16.38 20.40 23.13
N ILE D 69 15.15 20.68 22.75
CA ILE D 69 14.85 20.87 21.34
C ILE D 69 14.37 22.29 21.08
N GLY D 70 15.12 23.02 20.25
CA GLY D 70 14.83 24.41 20.05
C GLY D 70 13.67 24.67 19.07
N PRO D 71 13.19 25.90 19.01
CA PRO D 71 11.96 26.21 18.27
C PRO D 71 12.17 25.93 16.82
N GLY D 72 11.16 25.32 16.23
CA GLY D 72 11.11 25.19 14.79
C GLY D 72 11.81 23.96 14.24
N VAL D 73 12.53 23.21 15.09
CA VAL D 73 13.06 21.91 14.71
C VAL D 73 12.02 21.08 14.01
N THR D 74 12.39 20.45 12.90
CA THR D 74 11.54 19.44 12.28
C THR D 74 12.29 18.14 12.09
N ILE D 75 11.54 17.06 12.21
CA ILE D 75 12.03 15.70 12.01
C ILE D 75 11.30 15.11 10.84
N ILE D 76 12.05 14.78 9.80
CA ILE D 76 11.54 14.27 8.54
C ILE D 76 11.71 12.77 8.48
N MET D 77 10.58 12.05 8.49
CA MET D 77 10.57 10.60 8.39
C MET D 77 10.41 10.24 6.92
N ASN D 78 10.18 8.97 6.60
CA ASN D 78 10.50 8.48 5.27
C ASN D 78 9.43 8.75 4.24
N GLY D 79 8.33 9.34 4.67
CA GLY D 79 7.15 9.43 3.83
C GLY D 79 7.30 10.47 2.74
N ALA D 80 8.36 11.25 2.73
CA ALA D 80 8.55 12.17 1.61
C ALA D 80 9.49 11.64 0.53
N ASN D 81 10.03 10.44 0.75
CA ASN D 81 10.91 9.83 -0.26
C ASN D 81 10.12 9.63 -1.54
N HIS D 82 10.79 9.78 -2.68
CA HIS D 82 10.23 9.41 -3.97
C HIS D 82 10.91 8.12 -4.47
N ARG D 83 10.20 7.39 -5.31
CA ARG D 83 10.81 6.26 -6.03
C ARG D 83 11.85 6.86 -6.98
N MET D 84 13.05 6.28 -7.03
CA MET D 84 14.12 6.88 -7.83
C MET D 84 15.00 5.90 -8.60
N ASP D 85 14.51 4.72 -8.94
CA ASP D 85 15.21 3.86 -9.88
C ASP D 85 14.89 4.25 -11.32
N GLY D 86 14.00 5.25 -11.48
CA GLY D 86 13.68 5.81 -12.78
C GLY D 86 13.18 7.26 -12.55
N SER D 87 12.07 7.65 -13.19
CA SER D 87 11.49 8.96 -12.89
C SER D 87 11.04 9.06 -11.43
N THR D 88 11.33 10.20 -10.81
CA THR D 88 10.82 10.50 -9.48
C THR D 88 9.41 11.04 -9.48
N TYR D 89 8.80 11.20 -10.64
CA TYR D 89 7.44 11.72 -10.69
C TYR D 89 6.43 10.72 -10.17
N PRO D 90 5.65 11.15 -9.19
CA PRO D 90 4.76 10.23 -8.46
C PRO D 90 3.43 10.10 -9.21
N PHE D 91 3.44 9.48 -10.39
CA PHE D 91 2.24 9.36 -11.21
C PHE D 91 1.05 8.93 -10.39
N ASN D 92 1.30 8.05 -9.46
CA ASN D 92 0.23 7.32 -8.83
C ASN D 92 -0.65 8.26 -8.03
N LEU D 93 -0.09 9.38 -7.57
CA LEU D 93 -0.86 10.29 -6.71
C LEU D 93 -2.08 10.89 -7.40
N PHE D 94 -2.04 10.94 -8.71
CA PHE D 94 -3.00 11.74 -9.49
C PHE D 94 -4.23 11.00 -9.93
N GLY D 95 -4.34 9.73 -9.56
CA GLY D 95 -5.40 8.87 -10.07
C GLY D 95 -5.72 8.99 -11.54
N ASN D 96 -7.01 9.00 -11.85
CA ASN D 96 -7.42 9.02 -13.22
C ASN D 96 -6.81 7.85 -14.00
N GLY D 97 -6.51 6.76 -13.30
CA GLY D 97 -5.97 5.58 -13.96
C GLY D 97 -4.53 5.34 -13.54
N TRP D 98 -3.83 6.39 -13.11
CA TRP D 98 -2.41 6.29 -12.79
C TRP D 98 -2.20 5.64 -11.44
N GLU D 99 -3.27 5.47 -10.68
CA GLU D 99 -3.14 4.85 -9.38
C GLU D 99 -2.68 3.39 -9.53
N LYS D 100 -2.69 2.85 -10.75
CA LYS D 100 -2.18 1.49 -10.98
C LYS D 100 -0.65 1.43 -10.88
N HIS D 101 -0.01 2.59 -10.81
CA HIS D 101 1.45 2.66 -10.82
C HIS D 101 2.04 2.93 -9.46
N MET D 102 1.30 2.55 -8.42
CA MET D 102 1.74 2.73 -7.07
C MET D 102 2.99 1.92 -6.88
N PRO D 103 3.97 2.47 -6.19
CA PRO D 103 5.19 1.73 -5.85
C PRO D 103 4.94 0.66 -4.82
N LYS D 104 5.63 -0.46 -4.97
CA LYS D 104 5.67 -1.49 -3.95
C LYS D 104 6.45 -0.87 -2.82
N LEU D 105 6.30 -1.40 -1.61
CA LEU D 105 7.09 -0.85 -0.50
C LEU D 105 8.58 -1.06 -0.77
N ASP D 106 8.92 -2.15 -1.45
CA ASP D 106 10.32 -2.47 -1.72
C ASP D 106 10.92 -1.54 -2.79
N GLN D 107 10.09 -0.80 -3.51
CA GLN D 107 10.59 0.15 -4.52
C GLN D 107 10.85 1.56 -3.94
N LEU D 108 10.49 1.78 -2.68
CA LEU D 108 10.73 3.09 -2.06
C LEU D 108 12.04 3.02 -1.32
N PRO D 109 12.79 4.12 -1.30
CA PRO D 109 13.98 4.17 -0.47
C PRO D 109 13.59 4.00 0.99
N ILE D 110 14.32 3.14 1.66
CA ILE D 110 14.09 2.90 3.07
C ILE D 110 15.34 3.42 3.76
N LYS D 111 15.30 4.64 4.28
CA LYS D 111 16.54 5.30 4.74
C LYS D 111 16.90 4.91 6.16
N GLY D 112 15.93 4.34 6.88
CA GLY D 112 16.15 3.79 8.20
C GLY D 112 15.36 4.51 9.28
N ASP D 113 15.58 4.12 10.53
CA ASP D 113 14.95 4.79 11.65
C ASP D 113 15.73 6.05 12.03
N THR D 114 15.06 6.94 12.76
CA THR D 114 15.69 8.13 13.29
C THR D 114 15.81 7.96 14.78
N ILE D 115 17.03 7.97 15.27
CA ILE D 115 17.30 7.70 16.67
C ILE D 115 18.12 8.85 17.24
N ILE D 116 17.49 9.62 18.11
CA ILE D 116 18.14 10.71 18.81
C ILE D 116 18.37 10.28 20.24
N GLY D 117 19.60 10.41 20.70
CA GLY D 117 19.97 9.90 21.99
C GLY D 117 19.49 10.74 23.17
N ASN D 118 20.13 10.51 24.31
CA ASN D 118 19.81 11.18 25.57
C ASN D 118 20.70 12.40 25.76
N ASP D 119 20.16 13.43 26.42
CA ASP D 119 20.92 14.62 26.77
C ASP D 119 21.45 15.34 25.53
N VAL D 120 20.65 15.32 24.47
CA VAL D 120 21.01 15.96 23.22
C VAL D 120 20.37 17.32 23.12
N TRP D 121 21.12 18.31 22.66
CA TRP D 121 20.59 19.65 22.46
C TRP D 121 20.54 19.91 20.97
N ILE D 122 19.33 20.05 20.44
CA ILE D 122 19.15 20.38 19.02
C ILE D 122 18.71 21.83 18.91
N GLY D 123 19.51 22.67 18.23
CA GLY D 123 19.25 24.10 18.15
C GLY D 123 18.11 24.50 17.24
N LYS D 124 17.76 25.79 17.29
CA LYS D 124 16.61 26.36 16.59
C LYS D 124 16.63 26.00 15.11
N ASP D 125 15.46 25.67 14.56
CA ASP D 125 15.30 25.53 13.12
C ASP D 125 16.18 24.44 12.48
N VAL D 126 16.70 23.52 13.27
CA VAL D 126 17.34 22.31 12.72
C VAL D 126 16.34 21.47 11.95
N VAL D 127 16.83 20.85 10.87
CA VAL D 127 16.08 19.78 10.21
C VAL D 127 16.86 18.47 10.35
N ILE D 128 16.18 17.45 10.84
CA ILE D 128 16.72 16.10 10.95
C ILE D 128 16.11 15.27 9.82
N MET D 129 16.95 14.89 8.87
CA MET D 129 16.48 14.17 7.68
C MET D 129 16.36 12.67 8.01
N PRO D 130 15.79 11.88 7.09
CA PRO D 130 15.47 10.49 7.46
C PRO D 130 16.70 9.65 7.75
N GLY D 131 16.57 8.74 8.71
CA GLY D 131 17.52 7.67 8.89
C GLY D 131 18.69 8.04 9.78
N VAL D 132 18.63 9.20 10.39
CA VAL D 132 19.75 9.79 11.09
C VAL D 132 19.81 9.29 12.55
N LYS D 133 21.02 8.96 13.00
CA LYS D 133 21.27 8.65 14.41
C LYS D 133 22.13 9.75 15.02
N ILE D 134 21.70 10.27 16.17
CA ILE D 134 22.46 11.27 16.91
C ILE D 134 22.71 10.74 18.29
N GLY D 135 23.99 10.61 18.61
CA GLY D 135 24.41 9.97 19.83
C GLY D 135 24.14 10.82 21.07
N ASP D 136 24.17 10.18 22.22
CA ASP D 136 24.00 10.85 23.51
C ASP D 136 24.93 12.03 23.65
N GLY D 137 24.46 13.12 24.24
CA GLY D 137 25.34 14.22 24.62
C GLY D 137 25.69 15.16 23.49
N ALA D 138 25.25 14.85 22.26
CA ALA D 138 25.59 15.66 21.10
C ALA D 138 24.90 17.02 21.16
N ILE D 139 25.50 17.98 20.47
CA ILE D 139 24.91 19.30 20.24
C ILE D 139 24.90 19.55 18.75
N VAL D 140 23.72 19.93 18.27
CA VAL D 140 23.51 20.25 16.87
C VAL D 140 23.22 21.74 16.78
N ALA D 141 24.11 22.47 16.10
CA ALA D 141 23.99 23.92 16.00
C ALA D 141 22.67 24.32 15.36
N ALA D 142 22.16 25.45 15.77
CA ALA D 142 20.98 26.03 15.11
C ALA D 142 21.11 26.05 13.58
N ASN D 143 19.99 25.77 12.90
CA ASN D 143 19.92 25.82 11.44
C ASN D 143 20.64 24.69 10.68
N SER D 144 21.19 23.74 11.41
CA SER D 144 21.79 22.58 10.78
C SER D 144 20.74 21.76 9.98
N VAL D 145 21.22 21.09 8.94
CA VAL D 145 20.41 20.10 8.26
C VAL D 145 21.17 18.78 8.30
N VAL D 146 20.66 17.83 9.08
CA VAL D 146 21.47 16.69 9.48
C VAL D 146 21.07 15.53 8.59
N VAL D 147 22.03 15.09 7.76
CA VAL D 147 21.78 14.07 6.79
C VAL D 147 22.51 12.80 7.14
N LYS D 148 23.61 12.93 7.88
CA LYS D 148 24.43 11.79 8.28
C LYS D 148 24.43 11.67 9.80
N ASP D 149 24.86 10.52 10.32
CA ASP D 149 24.87 10.29 11.75
C ASP D 149 25.85 11.19 12.47
N ILE D 150 25.56 11.48 13.74
CA ILE D 150 26.42 12.29 14.60
C ILE D 150 26.77 11.49 15.85
N ALA D 151 28.05 11.36 16.16
CA ALA D 151 28.51 10.49 17.24
C ALA D 151 28.23 11.13 18.61
N PRO D 152 28.30 10.34 19.67
CA PRO D 152 28.01 10.88 20.99
C PRO D 152 28.91 12.03 21.40
N TYR D 153 28.33 13.00 22.09
CA TYR D 153 29.09 14.10 22.67
C TYR D 153 29.90 14.90 21.62
N MET D 154 29.38 14.95 20.40
N MET D 154 29.40 14.94 20.39
CA MET D 154 29.98 15.75 19.34
CA MET D 154 29.99 15.77 19.35
C MET D 154 29.20 17.05 19.19
C MET D 154 29.21 17.06 19.22
N LEU D 155 29.92 18.12 18.87
CA LEU D 155 29.27 19.33 18.35
C LEU D 155 29.26 19.19 16.86
N ALA D 156 28.10 19.42 16.25
CA ALA D 156 27.99 19.35 14.81
C ALA D 156 27.20 20.56 14.33
N GLY D 157 27.43 20.94 13.09
CA GLY D 157 26.69 22.03 12.51
C GLY D 157 26.80 22.09 11.00
N GLY D 158 25.91 22.86 10.40
CA GLY D 158 25.95 23.16 8.99
C GLY D 158 24.83 22.50 8.17
N ASN D 159 24.81 22.83 6.88
CA ASN D 159 23.94 22.19 5.91
C ASN D 159 24.79 21.84 4.68
N PRO D 160 25.20 20.57 4.51
CA PRO D 160 24.83 19.43 5.38
C PRO D 160 25.65 19.48 6.66
N ALA D 161 25.12 18.95 7.74
CA ALA D 161 25.80 19.04 9.01
C ALA D 161 27.06 18.16 9.04
N ASN D 162 28.14 18.73 9.59
CA ASN D 162 29.37 17.99 9.84
C ASN D 162 29.72 18.09 11.31
N GLU D 163 30.36 17.05 11.80
CA GLU D 163 30.99 17.09 13.13
C GLU D 163 32.10 18.12 13.18
N ILE D 164 32.05 18.97 14.21
CA ILE D 164 33.01 20.05 14.33
C ILE D 164 34.10 19.70 15.31
N LYS D 165 33.70 19.18 16.46
CA LYS D 165 34.69 18.74 17.46
C LYS D 165 34.03 17.86 18.51
N GLN D 166 34.83 17.06 19.20
CA GLN D 166 34.34 16.34 20.39
C GLN D 166 34.23 17.34 21.52
N ARG D 167 33.20 17.19 22.35
CA ARG D 167 32.96 18.14 23.43
C ARG D 167 33.96 17.98 24.57
N PHE D 168 34.32 16.73 24.85
CA PHE D 168 35.12 16.34 25.99
C PHE D 168 36.16 15.32 25.49
N ASP D 169 37.13 15.00 26.34
CA ASP D 169 38.08 13.92 26.08
C ASP D 169 37.36 12.59 25.95
N GLN D 170 37.91 11.66 25.15
CA GLN D 170 37.26 10.37 24.93
C GLN D 170 37.04 9.59 26.22
N ASP D 171 37.92 9.76 27.22
CA ASP D 171 37.73 9.04 28.48
C ASP D 171 36.48 9.54 29.18
N THR D 172 36.31 10.86 29.17
CA THR D 172 35.13 11.46 29.76
C THR D 172 33.88 10.95 29.06
N ILE D 173 33.90 10.99 27.73
CA ILE D 173 32.78 10.53 26.93
C ILE D 173 32.48 9.07 27.26
N ASN D 174 33.51 8.22 27.28
CA ASN D 174 33.31 6.80 27.58
C ASN D 174 32.66 6.58 28.93
N GLN D 175 33.16 7.28 29.95
CA GLN D 175 32.58 7.18 31.28
C GLN D 175 31.11 7.65 31.30
N LEU D 176 30.84 8.76 30.64
CA LEU D 176 29.48 9.28 30.60
C LEU D 176 28.55 8.27 29.91
N LEU D 177 29.02 7.67 28.82
CA LEU D 177 28.21 6.69 28.12
C LEU D 177 27.99 5.43 28.95
N ASP D 178 28.89 5.16 29.88
CA ASP D 178 28.73 4.01 30.76
C ASP D 178 27.78 4.28 31.92
N ILE D 179 27.89 5.45 32.54
CA ILE D 179 27.11 5.69 33.75
C ILE D 179 25.63 5.94 33.44
N LYS D 180 25.34 6.53 32.29
CA LYS D 180 23.96 6.83 31.88
C LYS D 180 23.13 7.46 32.99
N TRP D 181 23.51 8.65 33.42
CA TRP D 181 22.83 9.30 34.53
C TRP D 181 21.34 9.45 34.22
N TRP D 182 21.02 9.64 32.95
CA TRP D 182 19.65 9.90 32.56
C TRP D 182 18.72 8.74 32.90
N ASN D 183 19.29 7.57 33.20
CA ASN D 183 18.49 6.40 33.52
C ASN D 183 18.42 6.13 35.01
N TRP D 184 19.04 7.00 35.80
CA TRP D 184 18.92 6.89 37.25
C TRP D 184 17.50 7.21 37.69
N PRO D 185 17.10 6.62 38.81
CA PRO D 185 15.92 7.06 39.55
C PRO D 185 15.95 8.55 39.77
N ILE D 186 14.82 9.21 39.59
CA ILE D 186 14.79 10.65 39.66
C ILE D 186 15.27 11.19 41.00
N ASP D 187 15.13 10.41 42.07
CA ASP D 187 15.55 10.88 43.37
C ASP D 187 17.07 10.97 43.42
N ILE D 188 17.72 10.10 42.66
CA ILE D 188 19.18 10.13 42.59
C ILE D 188 19.67 11.23 41.64
N ILE D 189 18.96 11.46 40.53
CA ILE D 189 19.30 12.56 39.66
C ILE D 189 19.23 13.85 40.46
N ASN D 190 18.16 14.02 41.23
CA ASN D 190 17.94 15.26 41.97
C ASN D 190 19.06 15.55 42.98
N GLU D 191 19.64 14.50 43.53
CA GLU D 191 20.72 14.64 44.52
C GLU D 191 22.04 14.99 43.83
N ASN D 192 22.07 14.93 42.50
CA ASN D 192 23.33 15.00 41.78
C ASN D 192 23.31 15.97 40.62
N ILE D 193 22.25 16.79 40.49
CA ILE D 193 22.17 17.68 39.33
C ILE D 193 23.38 18.59 39.21
N ASP D 194 23.94 19.04 40.33
CA ASP D 194 25.08 19.93 40.16
C ASP D 194 26.27 19.16 39.56
N LYS D 195 26.39 17.89 39.90
CA LYS D 195 27.51 17.10 39.39
C LYS D 195 27.29 16.69 37.94
N ILE D 196 26.02 16.55 37.55
CA ILE D 196 25.65 16.25 36.17
C ILE D 196 25.95 17.46 35.31
N LEU D 197 25.78 18.64 35.89
CA LEU D 197 25.94 19.88 35.15
C LEU D 197 27.40 20.24 34.94
N ASP D 198 28.29 19.75 35.81
CA ASP D 198 29.71 20.06 35.70
C ASP D 198 30.57 18.84 35.39
N ASN D 199 29.92 17.74 35.06
CA ASN D 199 30.59 16.51 34.63
C ASN D 199 31.34 15.79 35.76
N SER D 200 31.24 16.32 36.97
CA SER D 200 31.92 15.63 38.06
C SER D 200 31.21 14.36 38.54
N ILE D 201 30.03 14.04 37.98
CA ILE D 201 29.35 12.79 38.33
C ILE D 201 30.26 11.63 38.06
N ILE D 202 31.11 11.80 37.06
CA ILE D 202 32.10 10.81 36.68
C ILE D 202 32.96 10.37 37.86
N ARG D 203 33.28 11.31 38.74
CA ARG D 203 34.27 11.09 39.78
C ARG D 203 33.61 10.75 41.12
N MET E 1 -5.60 8.81 -20.46
CA MET E 1 -5.80 8.69 -18.97
C MET E 1 -4.82 9.59 -18.23
N GLY E 2 -4.91 9.58 -16.90
CA GLY E 2 -4.23 10.58 -16.11
C GLY E 2 -5.07 11.84 -15.96
N PRO E 3 -4.66 12.71 -15.06
CA PRO E 3 -5.38 13.95 -14.80
C PRO E 3 -5.18 14.92 -15.95
N ASN E 4 -6.11 15.84 -16.09
CA ASN E 4 -5.95 16.96 -17.02
C ASN E 4 -4.93 17.94 -16.46
N PRO E 5 -3.84 18.12 -17.18
CA PRO E 5 -2.78 18.97 -16.65
C PRO E 5 -3.26 20.41 -16.48
N MET E 6 -4.37 20.79 -17.12
CA MET E 6 -4.83 22.17 -16.96
C MET E 6 -5.70 22.37 -15.72
N LYS E 7 -5.86 21.31 -14.92
CA LYS E 7 -6.69 21.41 -13.72
C LYS E 7 -5.81 21.86 -12.57
N MET E 8 -6.17 22.97 -11.91
CA MET E 8 -5.27 23.63 -10.95
C MET E 8 -5.05 22.71 -9.74
N TYR E 9 -6.14 22.11 -9.25
CA TYR E 9 -6.06 21.15 -8.14
C TYR E 9 -6.48 19.74 -8.58
N PRO E 10 -5.54 19.00 -9.18
CA PRO E 10 -5.88 17.74 -9.86
C PRO E 10 -6.21 16.53 -8.97
N ILE E 11 -5.88 16.60 -7.67
CA ILE E 11 -6.10 15.47 -6.76
C ILE E 11 -7.32 15.69 -5.89
N GLU E 12 -8.38 14.93 -6.19
CA GLU E 12 -9.66 15.16 -5.55
C GLU E 12 -9.57 15.24 -4.01
N GLY E 13 -8.92 14.27 -3.39
CA GLY E 13 -8.88 14.25 -1.93
C GLY E 13 -7.96 15.27 -1.21
N ASN E 14 -7.23 16.09 -1.97
CA ASN E 14 -6.01 16.72 -1.44
C ASN E 14 -5.69 18.05 -2.12
N LYS E 15 -6.24 19.13 -1.59
CA LYS E 15 -6.13 20.44 -2.23
C LYS E 15 -4.73 21.09 -2.08
N SER E 16 -3.81 20.41 -1.37
CA SER E 16 -2.43 20.89 -1.26
C SER E 16 -1.71 20.80 -2.59
N VAL E 17 -2.07 19.82 -3.40
CA VAL E 17 -1.32 19.58 -4.62
C VAL E 17 -1.86 20.39 -5.80
N GLN E 18 -0.99 21.20 -6.35
CA GLN E 18 -1.32 22.11 -7.44
C GLN E 18 -0.55 21.73 -8.69
N PHE E 19 -1.19 21.74 -9.86
CA PHE E 19 -0.44 21.80 -11.10
C PHE E 19 -0.03 23.24 -11.40
N ILE E 20 1.27 23.44 -11.56
CA ILE E 20 1.81 24.77 -11.55
C ILE E 20 1.49 25.54 -12.82
N LYS E 21 1.35 24.86 -13.96
CA LYS E 21 1.16 25.57 -15.20
C LYS E 21 -0.11 26.41 -15.14
N PRO E 22 -1.24 25.80 -14.81
CA PRO E 22 -2.47 26.56 -14.73
C PRO E 22 -2.42 27.59 -13.62
N ILE E 23 -1.69 27.29 -12.56
CA ILE E 23 -1.58 28.22 -11.44
C ILE E 23 -0.80 29.45 -11.85
N LEU E 24 0.20 29.28 -12.71
CA LEU E 24 1.16 30.36 -12.93
C LEU E 24 0.84 31.16 -14.18
N GLU E 25 -0.25 30.80 -14.85
CA GLU E 25 -0.48 31.26 -16.21
C GLU E 25 -0.62 32.78 -16.23
N LYS E 26 -1.07 33.33 -15.11
CA LYS E 26 -1.26 34.77 -14.98
C LYS E 26 0.08 35.54 -15.01
N LEU E 27 1.18 34.87 -14.67
CA LEU E 27 2.49 35.54 -14.51
C LEU E 27 3.17 35.74 -15.86
N GLU E 28 3.86 36.88 -16.06
CA GLU E 28 4.63 37.13 -17.29
C GLU E 28 6.04 36.56 -17.12
N ASN E 29 6.70 36.29 -18.26
CA ASN E 29 8.09 35.82 -18.31
C ASN E 29 8.32 34.54 -17.53
N VAL E 30 7.28 33.71 -17.48
CA VAL E 30 7.32 32.43 -16.78
C VAL E 30 6.69 31.37 -17.67
N GLU E 31 7.45 30.31 -17.96
CA GLU E 31 6.94 29.22 -18.79
C GLU E 31 7.07 27.93 -18.01
N VAL E 32 5.99 27.17 -17.90
CA VAL E 32 5.98 26.03 -17.01
C VAL E 32 5.38 24.81 -17.73
N GLY E 33 6.03 23.66 -17.57
CA GLY E 33 5.59 22.47 -18.25
C GLY E 33 4.45 21.72 -17.58
N GLU E 34 3.66 21.06 -18.42
CA GLU E 34 2.56 20.21 -17.99
C GLU E 34 2.97 19.19 -16.94
N TYR E 35 2.02 18.89 -16.05
CA TYR E 35 2.13 17.88 -15.01
C TYR E 35 3.05 18.23 -13.84
N SER E 36 3.88 19.23 -13.99
CA SER E 36 4.70 19.67 -12.87
C SER E 36 3.81 20.20 -11.76
N TYR E 37 4.10 19.81 -10.52
CA TYR E 37 3.20 20.13 -9.41
C TYR E 37 3.97 20.68 -8.21
N TYR E 38 3.21 21.35 -7.35
CA TYR E 38 3.70 21.95 -6.12
C TYR E 38 2.86 21.39 -5.02
N ASP E 39 3.48 21.03 -3.90
CA ASP E 39 2.73 20.54 -2.77
C ASP E 39 2.74 21.65 -1.74
N SER E 40 1.65 22.40 -1.64
CA SER E 40 1.58 23.61 -0.79
C SER E 40 1.88 23.32 0.68
N LYS E 41 2.55 24.25 1.33
CA LYS E 41 2.86 24.09 2.75
C LYS E 41 1.65 24.40 3.62
N ASN E 42 0.92 25.44 3.24
CA ASN E 42 -0.07 26.05 4.12
C ASN E 42 -1.22 26.66 3.33
N GLY E 43 -1.30 26.32 2.05
CA GLY E 43 -2.43 26.67 1.22
C GLY E 43 -2.06 27.73 0.20
N GLU E 44 -0.84 28.24 0.30
CA GLU E 44 -0.37 29.26 -0.64
C GLU E 44 -0.26 28.65 -2.03
N THR E 45 -0.58 29.43 -3.04
CA THR E 45 -0.41 28.96 -4.40
C THR E 45 0.99 29.29 -4.90
N PHE E 46 1.49 28.53 -5.86
CA PHE E 46 2.91 28.52 -6.10
C PHE E 46 3.42 29.86 -6.62
N ASP E 47 2.54 30.68 -7.20
CA ASP E 47 2.96 31.98 -7.67
C ASP E 47 3.51 32.83 -6.50
N LYS E 48 3.05 32.57 -5.29
CA LYS E 48 3.58 33.28 -4.12
C LYS E 48 5.04 32.92 -3.83
N GLN E 49 5.53 31.83 -4.43
CA GLN E 49 6.85 31.34 -4.14
C GLN E 49 7.90 31.84 -5.13
N ILE E 50 7.46 32.58 -6.15
CA ILE E 50 8.35 33.15 -7.15
C ILE E 50 8.58 34.63 -6.78
N LEU E 51 9.79 34.92 -6.33
CA LEU E 51 10.11 36.18 -5.66
C LEU E 51 10.96 37.07 -6.55
N TYR E 52 10.78 38.39 -6.41
CA TYR E 52 11.69 39.35 -7.02
C TYR E 52 11.73 39.21 -8.52
N HIS E 53 10.61 38.88 -9.11
CA HIS E 53 10.54 38.73 -10.56
C HIS E 53 9.88 39.97 -11.20
N TYR E 54 10.71 40.83 -11.79
CA TYR E 54 10.30 42.15 -12.25
C TYR E 54 10.48 42.24 -13.76
N PRO E 55 9.39 42.49 -14.47
CA PRO E 55 9.43 42.56 -15.93
C PRO E 55 10.55 43.45 -16.49
N ILE E 56 10.89 44.53 -15.79
CA ILE E 56 11.85 45.50 -16.34
C ILE E 56 13.23 44.84 -16.51
N LEU E 57 13.54 43.88 -15.67
CA LEU E 57 14.81 43.20 -15.77
C LEU E 57 14.83 42.15 -16.90
N ASN E 58 13.64 41.72 -17.31
CA ASN E 58 13.45 40.82 -18.47
C ASN E 58 14.12 39.45 -18.37
N ASP E 59 14.37 39.04 -17.13
CA ASP E 59 14.77 37.67 -16.85
C ASP E 59 13.57 36.72 -16.84
N LYS E 60 13.81 35.53 -17.37
CA LYS E 60 12.76 34.53 -17.57
C LYS E 60 12.94 33.37 -16.61
N LEU E 61 11.82 32.80 -16.16
CA LEU E 61 11.82 31.53 -15.41
C LEU E 61 11.20 30.48 -16.31
N LYS E 62 11.89 29.37 -16.46
CA LYS E 62 11.33 28.23 -17.21
C LYS E 62 11.41 26.98 -16.37
N ILE E 63 10.28 26.27 -16.28
CA ILE E 63 10.22 25.01 -15.53
C ILE E 63 9.67 23.96 -16.49
N GLY E 64 10.32 22.80 -16.54
CA GLY E 64 9.90 21.74 -17.44
C GLY E 64 8.66 20.99 -16.98
N LYS E 65 8.46 19.83 -17.61
CA LYS E 65 7.31 18.95 -17.40
C LYS E 65 7.66 17.92 -16.35
N PHE E 66 6.65 17.38 -15.66
CA PHE E 66 6.86 16.26 -14.75
C PHE E 66 7.86 16.53 -13.65
N CYS E 67 7.87 17.77 -13.15
CA CYS E 67 8.64 18.12 -11.97
C CYS E 67 7.85 17.99 -10.70
N SER E 68 8.55 17.67 -9.62
CA SER E 68 7.91 17.53 -8.33
C SER E 68 8.55 18.62 -7.47
N ILE E 69 7.74 19.55 -7.00
CA ILE E 69 8.25 20.69 -6.21
C ILE E 69 7.63 20.65 -4.83
N GLY E 70 8.50 20.46 -3.84
CA GLY E 70 8.08 20.31 -2.49
C GLY E 70 7.65 21.61 -1.82
N PRO E 71 6.98 21.47 -0.68
CA PRO E 71 6.42 22.61 0.04
C PRO E 71 7.48 23.62 0.42
N GLY E 72 7.18 24.91 0.23
CA GLY E 72 8.06 25.97 0.74
C GLY E 72 9.21 26.35 -0.17
N VAL E 73 9.43 25.60 -1.27
CA VAL E 73 10.42 25.96 -2.26
C VAL E 73 10.19 27.41 -2.71
N THR E 74 11.26 28.18 -2.80
CA THR E 74 11.19 29.52 -3.36
C THR E 74 12.18 29.69 -4.49
N ILE E 75 11.79 30.48 -5.47
CA ILE E 75 12.60 30.75 -6.63
C ILE E 75 12.88 32.27 -6.64
N ILE E 76 14.16 32.62 -6.55
CA ILE E 76 14.59 34.01 -6.43
C ILE E 76 15.05 34.47 -7.81
N MET E 77 14.32 35.41 -8.38
CA MET E 77 14.72 36.02 -9.62
C MET E 77 15.59 37.28 -9.36
N ASN E 78 15.94 38.00 -10.42
CA ASN E 78 17.05 38.94 -10.34
C ASN E 78 16.74 40.27 -9.62
N GLY E 79 15.50 40.45 -9.20
CA GLY E 79 15.09 41.71 -8.58
C GLY E 79 15.58 41.89 -7.14
N ALA E 80 16.23 40.91 -6.58
CA ALA E 80 16.85 41.09 -5.27
C ALA E 80 18.30 41.52 -5.39
N ASN E 81 18.84 41.54 -6.60
CA ASN E 81 20.24 41.91 -6.79
C ASN E 81 20.39 43.39 -6.41
N HIS E 82 21.51 43.73 -5.80
CA HIS E 82 21.92 45.12 -5.57
C HIS E 82 23.00 45.50 -6.56
N ARG E 83 23.10 46.79 -6.83
CA ARG E 83 24.26 47.30 -7.55
C ARG E 83 25.49 47.09 -6.68
N MET E 84 26.58 46.63 -7.26
CA MET E 84 27.76 46.37 -6.44
C MET E 84 29.12 46.70 -7.06
N ASP E 85 29.19 47.70 -7.95
CA ASP E 85 30.49 48.29 -8.27
C ASP E 85 30.96 49.33 -7.28
N GLY E 86 30.06 49.69 -6.36
CA GLY E 86 30.37 50.58 -5.26
C GLY E 86 29.54 50.16 -4.06
N SER E 87 28.89 51.11 -3.40
CA SER E 87 27.98 50.78 -2.29
C SER E 87 26.79 50.01 -2.78
N THR E 88 26.38 49.01 -2.03
CA THR E 88 25.17 48.26 -2.33
C THR E 88 23.94 48.98 -1.79
N TYR E 89 24.13 50.11 -1.12
CA TYR E 89 22.99 50.77 -0.52
C TYR E 89 22.09 51.30 -1.61
N PRO E 90 20.81 50.96 -1.58
CA PRO E 90 19.90 51.38 -2.66
C PRO E 90 19.31 52.78 -2.45
N PHE E 91 20.13 53.82 -2.61
CA PHE E 91 19.68 55.17 -2.36
C PHE E 91 18.39 55.42 -3.11
N ASN E 92 18.34 54.99 -4.35
CA ASN E 92 17.23 55.32 -5.22
C ASN E 92 15.86 54.93 -4.64
N LEU E 93 15.81 53.90 -3.81
CA LEU E 93 14.50 53.38 -3.35
C LEU E 93 13.78 54.43 -2.53
N PHE E 94 14.54 55.28 -1.85
CA PHE E 94 13.98 56.13 -0.79
C PHE E 94 13.49 57.49 -1.27
N GLY E 95 13.57 57.72 -2.56
CA GLY E 95 13.09 58.97 -3.12
C GLY E 95 13.67 60.18 -2.43
N ASN E 96 12.86 61.22 -2.30
CA ASN E 96 13.29 62.50 -1.75
C ASN E 96 14.49 63.07 -2.45
N GLY E 97 14.56 62.85 -3.77
CA GLY E 97 15.67 63.33 -4.56
C GLY E 97 16.70 62.25 -4.89
N TRP E 98 16.73 61.18 -4.11
CA TRP E 98 17.69 60.09 -4.37
C TRP E 98 17.33 59.23 -5.58
N GLU E 99 16.13 59.37 -6.08
CA GLU E 99 15.68 58.45 -7.11
C GLU E 99 16.40 58.76 -8.43
N LYS E 100 17.12 59.87 -8.48
CA LYS E 100 17.90 60.18 -9.68
C LYS E 100 19.10 59.25 -9.79
N HIS E 101 19.42 58.57 -8.70
CA HIS E 101 20.51 57.60 -8.67
C HIS E 101 20.03 56.18 -8.96
N MET E 102 18.96 56.05 -9.73
CA MET E 102 18.48 54.74 -10.07
C MET E 102 19.50 54.05 -10.98
N PRO E 103 19.76 52.78 -10.76
CA PRO E 103 20.70 52.05 -11.63
C PRO E 103 20.12 51.89 -13.01
N LYS E 104 20.90 52.20 -14.04
CA LYS E 104 20.65 51.67 -15.37
C LYS E 104 20.72 50.14 -15.37
N LEU E 105 20.12 49.50 -16.36
CA LEU E 105 20.03 48.05 -16.36
C LEU E 105 21.39 47.39 -16.47
N ASP E 106 22.32 48.01 -17.19
CA ASP E 106 23.62 47.40 -17.34
C ASP E 106 24.58 47.77 -16.21
N GLN E 107 24.04 48.38 -15.15
CA GLN E 107 24.78 48.56 -13.90
C GLN E 107 24.42 47.51 -12.84
N LEU E 108 23.30 46.83 -13.03
CA LEU E 108 22.93 45.73 -12.15
C LEU E 108 23.61 44.43 -12.57
N PRO E 109 23.92 43.57 -11.61
CA PRO E 109 24.26 42.19 -11.96
C PRO E 109 23.12 41.58 -12.78
N ILE E 110 23.49 40.95 -13.88
CA ILE E 110 22.51 40.24 -14.69
C ILE E 110 22.88 38.79 -14.57
N LYS E 111 22.23 38.08 -13.65
CA LYS E 111 22.67 36.73 -13.34
C LYS E 111 22.15 35.69 -14.33
N GLY E 112 21.18 36.06 -15.13
CA GLY E 112 20.67 35.18 -16.17
C GLY E 112 19.29 34.63 -15.88
N ASP E 113 18.76 33.86 -16.84
CA ASP E 113 17.44 33.22 -16.65
C ASP E 113 17.57 32.06 -15.69
N THR E 114 16.45 31.64 -15.07
CA THR E 114 16.41 30.44 -14.24
C THR E 114 15.69 29.38 -15.04
N ILE E 115 16.38 28.28 -15.28
CA ILE E 115 15.84 27.23 -16.11
C ILE E 115 15.92 25.94 -15.35
N ILE E 116 14.75 25.38 -15.04
CA ILE E 116 14.62 24.07 -14.41
C ILE E 116 14.14 23.05 -15.42
N GLY E 117 14.84 21.94 -15.51
CA GLY E 117 14.57 20.95 -16.55
C GLY E 117 13.28 20.15 -16.30
N ASN E 118 13.21 19.00 -16.98
CA ASN E 118 12.09 18.07 -16.90
C ASN E 118 12.39 16.96 -15.91
N ASP E 119 11.36 16.43 -15.26
CA ASP E 119 11.50 15.30 -14.36
C ASP E 119 12.45 15.61 -13.19
N VAL E 120 12.44 16.87 -12.75
CA VAL E 120 13.25 17.34 -11.63
C VAL E 120 12.47 17.29 -10.32
N TRP E 121 13.07 16.72 -9.29
CA TRP E 121 12.48 16.75 -7.97
C TRP E 121 13.24 17.74 -7.09
N ILE E 122 12.51 18.75 -6.65
CA ILE E 122 13.05 19.77 -5.76
C ILE E 122 12.41 19.56 -4.39
N GLY E 123 13.24 19.29 -3.39
CA GLY E 123 12.79 18.97 -2.08
C GLY E 123 12.29 20.16 -1.28
N LYS E 124 11.67 19.86 -0.17
CA LYS E 124 11.00 20.88 0.68
C LYS E 124 11.95 22.01 1.02
N ASP E 125 11.45 23.23 0.97
CA ASP E 125 12.18 24.42 1.44
C ASP E 125 13.49 24.75 0.74
N VAL E 126 13.71 24.19 -0.44
CA VAL E 126 14.87 24.58 -1.25
C VAL E 126 14.71 26.03 -1.69
N VAL E 127 15.83 26.74 -1.80
CA VAL E 127 15.89 28.06 -2.39
C VAL E 127 16.72 27.99 -3.65
N ILE E 128 16.12 28.42 -4.76
CA ILE E 128 16.85 28.52 -6.03
C ILE E 128 17.22 29.98 -6.29
N MET E 129 18.50 30.26 -6.32
CA MET E 129 18.99 31.63 -6.45
C MET E 129 19.01 32.00 -7.93
N PRO E 130 19.18 33.28 -8.23
CA PRO E 130 19.07 33.76 -9.62
C PRO E 130 20.04 33.11 -10.58
N GLY E 131 19.54 32.85 -11.78
CA GLY E 131 20.39 32.47 -12.89
C GLY E 131 20.72 31.00 -12.97
N VAL E 132 20.09 30.20 -12.12
CA VAL E 132 20.45 28.79 -11.98
C VAL E 132 19.84 27.97 -13.11
N LYS E 133 20.61 27.02 -13.63
CA LYS E 133 20.11 25.96 -14.52
C LYS E 133 20.19 24.60 -13.83
N ILE E 134 19.07 23.88 -13.78
CA ILE E 134 19.01 22.53 -13.21
C ILE E 134 18.60 21.59 -14.32
N GLY E 135 19.46 20.62 -14.60
CA GLY E 135 19.27 19.73 -15.73
C GLY E 135 18.14 18.73 -15.51
N ASP E 136 17.65 18.16 -16.61
CA ASP E 136 16.62 17.11 -16.55
C ASP E 136 17.01 16.06 -15.53
N GLY E 137 16.04 15.53 -14.78
CA GLY E 137 16.27 14.33 -13.99
C GLY E 137 17.02 14.55 -12.68
N ALA E 138 17.42 15.78 -12.44
CA ALA E 138 18.09 16.11 -11.17
C ALA E 138 17.18 15.99 -9.95
N ILE E 139 17.82 15.74 -8.82
CA ILE E 139 17.15 15.74 -7.54
C ILE E 139 17.90 16.72 -6.64
N VAL E 140 17.16 17.68 -6.10
CA VAL E 140 17.74 18.64 -5.17
C VAL E 140 17.20 18.34 -3.78
N ALA E 141 18.11 18.04 -2.88
CA ALA E 141 17.75 17.67 -1.51
C ALA E 141 17.01 18.80 -0.80
N ALA E 142 16.11 18.42 0.08
CA ALA E 142 15.43 19.40 0.93
C ALA E 142 16.41 20.35 1.58
N ASN E 143 15.98 21.59 1.70
CA ASN E 143 16.71 22.65 2.39
C ASN E 143 17.98 23.10 1.70
N SER E 144 18.18 22.66 0.45
CA SER E 144 19.31 23.15 -0.34
C SER E 144 19.12 24.64 -0.65
N VAL E 145 20.25 25.31 -0.90
CA VAL E 145 20.25 26.66 -1.44
C VAL E 145 21.15 26.59 -2.66
N VAL E 146 20.53 26.71 -3.84
CA VAL E 146 21.20 26.38 -5.06
C VAL E 146 21.73 27.67 -5.71
N VAL E 147 23.05 27.80 -5.81
CA VAL E 147 23.67 29.00 -6.33
C VAL E 147 24.23 28.75 -7.71
N LYS E 148 24.75 27.55 -7.93
CA LYS E 148 25.44 27.19 -9.16
C LYS E 148 24.56 26.18 -9.90
N ASP E 149 24.85 25.99 -11.18
CA ASP E 149 24.07 25.06 -11.96
C ASP E 149 24.20 23.64 -11.43
N ILE E 150 23.20 22.81 -11.76
CA ILE E 150 23.24 21.37 -11.46
C ILE E 150 23.01 20.59 -12.74
N ALA E 151 23.89 19.64 -13.03
CA ALA E 151 23.84 18.87 -14.27
C ALA E 151 22.68 17.88 -14.25
N PRO E 152 22.33 17.35 -15.42
CA PRO E 152 21.22 16.41 -15.53
C PRO E 152 21.47 15.14 -14.70
N TYR E 153 20.41 14.65 -14.07
CA TYR E 153 20.42 13.37 -13.34
C TYR E 153 21.51 13.34 -12.27
N MET E 154 21.76 14.49 -11.67
N MET E 154 21.79 14.50 -11.70
CA MET E 154 22.63 14.59 -10.49
CA MET E 154 22.63 14.64 -10.49
C MET E 154 21.80 14.77 -9.22
C MET E 154 21.76 14.70 -9.24
N LEU E 155 22.20 14.09 -8.15
CA LEU E 155 21.77 14.46 -6.80
C LEU E 155 22.61 15.58 -6.30
N ALA E 156 21.96 16.62 -5.81
CA ALA E 156 22.67 17.75 -5.26
C ALA E 156 22.04 18.12 -3.94
N GLY E 157 22.84 18.67 -3.04
CA GLY E 157 22.33 19.09 -1.74
C GLY E 157 23.23 20.05 -1.01
N GLY E 158 22.66 20.79 -0.07
CA GLY E 158 23.46 21.59 0.87
C GLY E 158 23.26 23.09 0.69
N ASN E 159 23.96 23.88 1.53
CA ASN E 159 23.90 25.33 1.48
C ASN E 159 25.31 25.88 1.62
N PRO E 160 25.97 26.21 0.50
CA PRO E 160 25.39 26.15 -0.85
C PRO E 160 25.36 24.74 -1.41
N ALA E 161 24.50 24.51 -2.39
CA ALA E 161 24.29 23.19 -2.93
C ALA E 161 25.50 22.74 -3.71
N ASN E 162 25.90 21.48 -3.51
CA ASN E 162 26.92 20.84 -4.30
C ASN E 162 26.37 19.57 -4.88
N GLU E 163 26.84 19.22 -6.07
CA GLU E 163 26.56 17.91 -6.64
C GLU E 163 27.17 16.85 -5.76
N ILE E 164 26.35 15.87 -5.38
CA ILE E 164 26.77 14.78 -4.54
C ILE E 164 27.20 13.58 -5.36
N LYS E 165 26.33 13.09 -6.24
CA LYS E 165 26.70 12.01 -7.17
C LYS E 165 25.78 11.99 -8.39
N GLN E 166 26.18 11.27 -9.45
CA GLN E 166 25.26 11.03 -10.56
C GLN E 166 24.28 9.96 -10.12
N ARG E 167 23.02 10.12 -10.51
CA ARG E 167 21.99 9.13 -10.20
C ARG E 167 22.23 7.79 -10.85
N PHE E 168 22.63 7.84 -12.12
CA PHE E 168 22.80 6.64 -12.91
C PHE E 168 24.14 6.74 -13.63
N ASP E 169 24.58 5.64 -14.24
CA ASP E 169 25.79 5.71 -15.07
C ASP E 169 25.60 6.68 -16.25
N GLN E 170 26.71 7.18 -16.79
CA GLN E 170 26.64 8.15 -17.87
C GLN E 170 25.90 7.64 -19.11
N ASP E 171 26.02 6.36 -19.42
CA ASP E 171 25.43 5.82 -20.64
C ASP E 171 23.89 5.84 -20.50
N THR E 172 23.42 5.59 -19.29
CA THR E 172 22.00 5.59 -19.04
C THR E 172 21.44 7.01 -19.10
N ILE E 173 22.15 7.93 -18.48
CA ILE E 173 21.80 9.36 -18.56
C ILE E 173 21.72 9.82 -20.00
N ASN E 174 22.76 9.53 -20.79
CA ASN E 174 22.78 9.92 -22.19
C ASN E 174 21.55 9.42 -22.99
N GLN E 175 21.16 8.19 -22.76
CA GLN E 175 19.98 7.62 -23.41
C GLN E 175 18.69 8.32 -22.96
N LEU E 176 18.59 8.63 -21.67
CA LEU E 176 17.42 9.33 -21.17
C LEU E 176 17.33 10.71 -21.79
N LEU E 177 18.46 11.40 -21.92
CA LEU E 177 18.48 12.72 -22.53
C LEU E 177 18.19 12.70 -24.01
N ASP E 178 18.51 11.57 -24.66
CA ASP E 178 18.17 11.34 -26.06
C ASP E 178 16.67 11.08 -26.30
N ILE E 179 16.04 10.28 -25.45
CA ILE E 179 14.67 9.87 -25.78
C ILE E 179 13.60 10.87 -25.29
N LYS E 180 13.92 11.59 -24.23
CA LYS E 180 13.07 12.69 -23.75
C LYS E 180 11.60 12.26 -23.75
N TRP E 181 11.33 11.27 -22.93
CA TRP E 181 10.02 10.69 -22.78
C TRP E 181 9.00 11.74 -22.37
N TRP E 182 9.47 12.77 -21.67
CA TRP E 182 8.56 13.80 -21.17
C TRP E 182 7.91 14.60 -22.32
N ASN E 183 8.52 14.55 -23.51
CA ASN E 183 7.97 15.27 -24.65
C ASN E 183 6.92 14.52 -25.47
N TRP E 184 6.78 13.23 -25.19
CA TRP E 184 5.79 12.41 -25.89
C TRP E 184 4.38 12.92 -25.56
N PRO E 185 3.44 12.72 -26.47
CA PRO E 185 2.03 12.91 -26.12
C PRO E 185 1.62 12.02 -24.96
N ILE E 186 0.75 12.53 -24.10
CA ILE E 186 0.44 11.80 -22.87
C ILE E 186 -0.18 10.46 -23.17
N ASP E 187 -0.84 10.36 -24.34
CA ASP E 187 -1.38 9.07 -24.79
C ASP E 187 -0.27 8.03 -24.87
N ILE E 188 0.90 8.45 -25.32
CA ILE E 188 2.02 7.51 -25.47
C ILE E 188 2.74 7.28 -24.16
N ILE E 189 2.94 8.35 -23.39
CA ILE E 189 3.53 8.19 -22.07
C ILE E 189 2.73 7.19 -21.27
N ASN E 190 1.41 7.32 -21.35
CA ASN E 190 0.53 6.45 -20.55
C ASN E 190 0.78 4.97 -20.80
N GLU E 191 1.20 4.60 -22.02
CA GLU E 191 1.42 3.20 -22.37
C GLU E 191 2.76 2.73 -21.79
N ASN E 192 3.53 3.65 -21.27
CA ASN E 192 4.92 3.35 -20.92
C ASN E 192 5.33 3.75 -19.50
N ILE E 193 4.37 4.11 -18.65
CA ILE E 193 4.73 4.66 -17.34
C ILE E 193 5.55 3.68 -16.52
N ASP E 194 5.27 2.40 -16.65
CA ASP E 194 5.98 1.49 -15.79
C ASP E 194 7.46 1.41 -16.19
N LYS E 195 7.74 1.60 -17.47
CA LYS E 195 9.11 1.52 -17.99
C LYS E 195 9.89 2.81 -17.73
N ILE E 196 9.16 3.93 -17.74
CA ILE E 196 9.71 5.22 -17.30
C ILE E 196 10.09 5.23 -15.83
N LEU E 197 9.34 4.48 -15.02
CA LEU E 197 9.56 4.41 -13.59
C LEU E 197 10.74 3.54 -13.19
N ASP E 198 11.08 2.55 -14.02
CA ASP E 198 12.22 1.67 -13.72
C ASP E 198 13.43 1.82 -14.67
N ASN E 199 13.35 2.82 -15.55
CA ASN E 199 14.42 3.13 -16.48
C ASN E 199 14.59 2.12 -17.62
N SER E 200 13.75 1.09 -17.66
CA SER E 200 13.78 0.17 -18.81
C SER E 200 13.25 0.78 -20.12
N ILE E 201 12.74 2.01 -20.08
CA ILE E 201 12.26 2.64 -21.31
C ILE E 201 13.36 2.79 -22.34
N ILE E 202 14.59 2.83 -21.86
CA ILE E 202 15.70 2.96 -22.79
C ILE E 202 15.82 1.58 -23.41
N ARG E 203 15.51 1.47 -24.70
CA ARG E 203 14.65 0.39 -25.20
C ARG E 203 14.92 -0.96 -24.53
N MET F 1 18.53 66.50 1.41
CA MET F 1 18.14 65.58 0.31
C MET F 1 18.01 64.20 0.89
N GLY F 2 17.10 63.41 0.33
CA GLY F 2 16.93 62.08 0.84
C GLY F 2 15.93 62.12 1.95
N PRO F 3 15.62 60.93 2.44
CA PRO F 3 14.63 60.75 3.48
C PRO F 3 15.21 61.16 4.82
N ASN F 4 14.34 61.46 5.78
CA ASN F 4 14.75 61.60 7.16
C ASN F 4 15.05 60.23 7.80
N PRO F 5 16.25 60.02 8.28
CA PRO F 5 16.57 58.70 8.81
C PRO F 5 15.73 58.33 10.02
N MET F 6 15.14 59.31 10.68
CA MET F 6 14.33 59.06 11.85
C MET F 6 12.89 58.66 11.49
N LYS F 7 12.53 58.67 10.20
CA LYS F 7 11.18 58.26 9.80
C LYS F 7 11.13 56.74 9.74
N MET F 8 10.24 56.13 10.53
CA MET F 8 10.16 54.69 10.62
C MET F 8 9.92 54.03 9.27
N TYR F 9 8.98 54.60 8.52
CA TYR F 9 8.62 54.05 7.23
C TYR F 9 8.85 55.08 6.17
N PRO F 10 10.07 55.10 5.64
CA PRO F 10 10.51 56.24 4.84
C PRO F 10 9.95 56.28 3.42
N ILE F 11 9.41 55.17 2.93
CA ILE F 11 8.99 55.10 1.53
C ILE F 11 7.47 55.10 1.45
N GLU F 12 6.92 56.27 1.17
CA GLU F 12 5.57 56.40 0.63
C GLU F 12 5.24 55.26 -0.31
N GLY F 13 4.22 54.50 0.03
CA GLY F 13 3.78 53.40 -0.79
C GLY F 13 4.19 52.05 -0.24
N ASN F 14 5.42 51.95 0.28
CA ASN F 14 6.01 50.65 0.60
C ASN F 14 6.26 50.47 2.08
N LYS F 15 5.20 50.17 2.83
CA LYS F 15 5.31 50.08 4.27
C LYS F 15 6.21 48.93 4.69
N SER F 16 6.66 48.11 3.75
CA SER F 16 7.54 47.00 4.11
C SER F 16 8.86 47.54 4.57
N VAL F 17 9.30 48.64 3.98
CA VAL F 17 10.67 49.08 4.20
C VAL F 17 10.69 49.97 5.44
N GLN F 18 11.57 49.62 6.38
CA GLN F 18 11.66 50.28 7.69
C GLN F 18 13.09 50.80 7.82
N PHE F 19 13.23 51.98 8.40
CA PHE F 19 14.55 52.40 8.90
C PHE F 19 14.64 51.84 10.31
N ILE F 20 15.72 51.11 10.57
CA ILE F 20 15.81 50.29 11.77
C ILE F 20 16.10 51.12 13.03
N LYS F 21 16.83 52.21 12.85
CA LYS F 21 17.18 52.99 14.02
C LYS F 21 15.96 53.41 14.83
N PRO F 22 15.03 54.15 14.23
CA PRO F 22 13.85 54.59 14.99
C PRO F 22 13.02 53.43 15.51
N ILE F 23 13.14 52.28 14.86
CA ILE F 23 12.47 51.07 15.33
C ILE F 23 13.16 50.44 16.52
N LEU F 24 14.49 50.43 16.54
CA LEU F 24 15.22 49.72 17.58
C LEU F 24 15.57 50.62 18.77
N GLU F 25 14.92 51.78 18.85
CA GLU F 25 15.27 52.83 19.80
C GLU F 25 14.89 52.43 21.23
N LYS F 26 13.68 51.91 21.39
CA LYS F 26 13.38 51.09 22.53
C LYS F 26 14.03 49.73 22.30
N LEU F 27 15.34 49.64 22.51
CA LEU F 27 15.99 48.40 22.91
C LEU F 27 17.31 48.71 23.62
N GLU F 28 17.52 48.10 24.78
CA GLU F 28 18.78 48.24 25.53
C GLU F 28 19.90 47.45 24.87
N ASN F 29 21.13 47.96 24.98
CA ASN F 29 22.33 47.27 24.49
C ASN F 29 22.27 47.06 22.96
N VAL F 30 21.51 47.92 22.29
CA VAL F 30 21.46 47.89 20.82
C VAL F 30 21.80 49.28 20.27
N GLU F 31 22.78 49.37 19.38
CA GLU F 31 23.12 50.63 18.71
C GLU F 31 23.00 50.42 17.21
N VAL F 32 22.27 51.31 16.55
CA VAL F 32 21.97 51.09 15.13
C VAL F 32 22.17 52.39 14.37
N GLY F 33 22.84 52.29 13.22
CA GLY F 33 23.20 53.44 12.43
C GLY F 33 22.06 53.96 11.59
N GLU F 34 22.12 55.26 11.29
CA GLU F 34 21.18 55.90 10.38
C GLU F 34 21.20 55.31 8.97
N TYR F 35 20.02 55.30 8.35
CA TYR F 35 19.78 54.90 6.96
C TYR F 35 19.74 53.40 6.73
N SER F 36 20.21 52.63 7.70
CA SER F 36 20.11 51.19 7.60
C SER F 36 18.66 50.76 7.65
N TYR F 37 18.29 49.88 6.73
CA TYR F 37 16.89 49.50 6.60
C TYR F 37 16.66 48.00 6.67
N TYR F 38 15.40 47.66 6.95
CA TYR F 38 14.94 46.29 6.93
C TYR F 38 13.77 46.21 5.97
N ASP F 39 13.73 45.16 5.17
CA ASP F 39 12.58 44.93 4.29
C ASP F 39 11.70 43.79 4.80
N SER F 40 10.57 44.14 5.41
CA SER F 40 9.80 43.22 6.24
C SER F 40 9.30 42.06 5.39
N LYS F 41 9.28 40.86 5.95
CA LYS F 41 8.77 39.68 5.25
C LYS F 41 7.24 39.66 5.27
N ASN F 42 6.66 39.85 6.44
CA ASN F 42 5.21 39.67 6.58
C ASN F 42 4.55 40.83 7.32
N GLY F 43 5.29 41.93 7.51
CA GLY F 43 4.78 43.05 8.28
C GLY F 43 5.46 43.25 9.63
N GLU F 44 6.26 42.28 10.06
CA GLU F 44 6.90 42.40 11.36
C GLU F 44 7.88 43.56 11.38
N THR F 45 8.04 44.16 12.55
CA THR F 45 9.11 45.15 12.73
C THR F 45 10.41 44.49 13.16
N PHE F 46 11.53 45.16 12.86
CA PHE F 46 12.81 44.49 12.90
C PHE F 46 13.20 44.10 14.32
N ASP F 47 12.62 44.76 15.31
CA ASP F 47 12.87 44.34 16.68
C ASP F 47 12.46 42.90 16.94
N LYS F 48 11.47 42.40 16.21
CA LYS F 48 11.06 40.99 16.34
C LYS F 48 12.11 40.02 15.82
N GLN F 49 13.10 40.55 15.10
CA GLN F 49 14.12 39.71 14.48
C GLN F 49 15.38 39.57 15.32
N ILE F 50 15.44 40.29 16.45
CA ILE F 50 16.59 40.23 17.31
C ILE F 50 16.22 39.34 18.46
N LEU F 51 16.87 38.21 18.52
CA LEU F 51 16.41 37.12 19.37
C LEU F 51 17.36 36.91 20.54
N TYR F 52 16.81 36.45 21.67
CA TYR F 52 17.65 35.99 22.77
C TYR F 52 18.62 37.04 23.27
N HIS F 53 18.17 38.29 23.25
CA HIS F 53 18.98 39.39 23.73
C HIS F 53 18.52 39.83 25.11
N TYR F 54 19.27 39.40 26.12
CA TYR F 54 18.93 39.61 27.53
C TYR F 54 19.98 40.52 28.18
N PRO F 55 19.55 41.67 28.73
CA PRO F 55 20.50 42.62 29.33
C PRO F 55 21.40 42.00 30.36
N ILE F 56 20.92 40.99 31.08
CA ILE F 56 21.75 40.35 32.10
C ILE F 56 23.07 39.84 31.54
N LEU F 57 23.08 39.42 30.28
CA LEU F 57 24.24 38.76 29.72
C LEU F 57 25.29 39.75 29.24
N ASN F 58 24.84 41.01 29.12
CA ASN F 58 25.66 42.17 28.80
C ASN F 58 26.21 42.25 27.40
N ASP F 59 25.77 41.37 26.51
CA ASP F 59 26.28 41.38 25.16
C ASP F 59 25.62 42.50 24.39
N LYS F 60 26.39 43.15 23.54
CA LYS F 60 25.87 44.28 22.77
C LYS F 60 25.70 43.92 21.29
N LEU F 61 24.67 44.48 20.65
CA LEU F 61 24.50 44.47 19.20
C LEU F 61 24.73 45.88 18.67
N LYS F 62 25.60 46.00 17.68
CA LYS F 62 25.80 47.28 16.97
C LYS F 62 25.64 47.01 15.50
N ILE F 63 24.91 47.87 14.82
CA ILE F 63 24.79 47.81 13.40
C ILE F 63 25.11 49.19 12.86
N GLY F 64 25.89 49.23 11.79
CA GLY F 64 26.33 50.50 11.27
C GLY F 64 25.30 51.21 10.41
N LYS F 65 25.77 52.23 9.72
CA LYS F 65 24.95 53.04 8.84
C LYS F 65 24.88 52.43 7.45
N PHE F 66 23.83 52.78 6.70
CA PHE F 66 23.72 52.46 5.30
C PHE F 66 23.73 50.92 5.01
N CYS F 67 23.23 50.14 5.94
CA CYS F 67 23.06 48.70 5.72
C CYS F 67 21.71 48.36 5.09
N SER F 68 21.72 47.27 4.33
CA SER F 68 20.54 46.72 3.69
C SER F 68 20.29 45.35 4.26
N ILE F 69 19.15 45.22 4.95
CA ILE F 69 18.81 43.99 5.63
C ILE F 69 17.55 43.38 5.04
N GLY F 70 17.73 42.25 4.38
CA GLY F 70 16.63 41.61 3.70
C GLY F 70 15.61 40.96 4.63
N PRO F 71 14.48 40.58 4.05
CA PRO F 71 13.37 40.01 4.83
C PRO F 71 13.72 38.70 5.51
N GLY F 72 13.33 38.57 6.77
CA GLY F 72 13.51 37.33 7.50
C GLY F 72 14.84 37.15 8.19
N VAL F 73 15.78 38.09 8.00
CA VAL F 73 17.07 38.03 8.69
C VAL F 73 16.82 37.99 10.20
N THR F 74 17.51 37.11 10.89
CA THR F 74 17.51 37.12 12.35
C THR F 74 18.90 37.22 12.91
N ILE F 75 18.97 37.83 14.09
CA ILE F 75 20.23 38.04 14.77
C ILE F 75 20.06 37.40 16.13
N ILE F 76 20.87 36.37 16.37
CA ILE F 76 20.81 35.56 17.57
C ILE F 76 21.86 36.07 18.54
N MET F 77 21.42 36.59 19.67
CA MET F 77 22.33 37.03 20.70
C MET F 77 22.52 35.90 21.73
N ASN F 78 23.22 36.16 22.83
CA ASN F 78 23.81 35.06 23.59
C ASN F 78 22.84 34.29 24.45
N GLY F 79 21.59 34.74 24.45
CA GLY F 79 20.58 34.18 25.33
C GLY F 79 20.15 32.76 25.02
N ALA F 80 20.50 32.23 23.86
CA ALA F 80 20.15 30.84 23.58
C ALA F 80 21.29 29.87 23.82
N ASN F 81 22.45 30.35 24.24
CA ASN F 81 23.51 29.45 24.64
C ASN F 81 23.04 28.62 25.86
N HIS F 82 23.49 27.36 25.89
CA HIS F 82 23.29 26.47 27.01
C HIS F 82 24.62 26.34 27.74
N ARG F 83 24.55 26.07 29.03
CA ARG F 83 25.72 25.68 29.78
C ARG F 83 26.21 24.33 29.21
N MET F 84 27.53 24.17 29.10
CA MET F 84 28.03 23.00 28.42
C MET F 84 29.31 22.42 28.93
N ASP F 85 29.65 22.67 30.20
CA ASP F 85 30.73 21.93 30.80
C ASP F 85 30.31 20.55 31.26
N GLY F 86 29.00 20.32 31.28
CA GLY F 86 28.41 19.02 31.51
C GLY F 86 27.16 18.90 30.67
N SER F 87 26.09 18.42 31.28
CA SER F 87 24.82 18.34 30.58
C SER F 87 24.37 19.75 30.12
N THR F 88 23.83 19.78 28.91
CA THR F 88 23.19 20.98 28.37
C THR F 88 21.74 21.11 28.80
N TYR F 89 21.21 20.16 29.56
CA TYR F 89 19.80 20.25 29.96
C TYR F 89 19.59 21.37 30.97
N PRO F 90 18.64 22.26 30.70
CA PRO F 90 18.48 23.46 31.52
C PRO F 90 17.54 23.21 32.65
N PHE F 91 18.00 22.38 33.59
CA PHE F 91 17.20 22.02 34.75
C PHE F 91 16.55 23.25 35.35
N ASN F 92 17.32 24.31 35.46
CA ASN F 92 16.86 25.52 36.14
C ASN F 92 15.55 26.09 35.57
N LEU F 93 15.30 25.89 34.29
CA LEU F 93 14.15 26.51 33.64
C LEU F 93 12.84 26.02 34.23
N PHE F 94 12.84 24.81 34.76
CA PHE F 94 11.58 24.14 35.14
C PHE F 94 11.03 24.42 36.54
N GLY F 95 11.80 25.07 37.40
CA GLY F 95 11.37 25.21 38.78
C GLY F 95 11.08 23.91 39.52
N ASN F 96 10.05 23.94 40.35
CA ASN F 96 9.72 22.82 41.21
C ASN F 96 10.95 22.34 42.00
N GLY F 97 11.80 23.28 42.39
CA GLY F 97 13.01 22.94 43.11
C GLY F 97 14.27 22.95 42.25
N TRP F 98 14.12 22.78 40.94
CA TRP F 98 15.27 22.79 40.07
C TRP F 98 15.83 24.18 39.85
N GLU F 99 15.10 25.22 40.30
CA GLU F 99 15.54 26.59 40.04
C GLU F 99 16.80 26.90 40.85
N LYS F 100 17.15 26.06 41.80
CA LYS F 100 18.40 26.28 42.54
C LYS F 100 19.64 25.99 41.69
N HIS F 101 19.44 25.45 40.49
CA HIS F 101 20.55 25.07 39.63
C HIS F 101 20.82 26.09 38.52
N MET F 102 20.64 27.36 38.85
CA MET F 102 20.81 28.44 37.86
C MET F 102 22.31 28.54 37.60
N PRO F 103 22.68 28.69 36.34
CA PRO F 103 24.08 28.87 35.97
C PRO F 103 24.56 30.24 36.38
N LYS F 104 25.80 30.33 36.83
CA LYS F 104 26.45 31.62 37.00
C LYS F 104 26.76 32.20 35.63
N LEU F 105 26.84 33.52 35.53
CA LEU F 105 27.15 34.09 34.23
C LEU F 105 28.44 33.50 33.63
N ASP F 106 29.45 33.26 34.47
CA ASP F 106 30.70 32.69 33.97
C ASP F 106 30.66 31.20 33.60
N GLN F 107 29.51 30.55 33.79
CA GLN F 107 29.34 29.16 33.34
C GLN F 107 28.65 29.11 31.99
N LEU F 108 28.19 30.26 31.53
CA LEU F 108 27.55 30.30 30.22
C LEU F 108 28.58 30.67 29.17
N PRO F 109 28.48 30.10 27.97
CA PRO F 109 29.36 30.55 26.90
C PRO F 109 29.12 32.03 26.65
N ILE F 110 30.21 32.79 26.59
CA ILE F 110 30.13 34.21 26.28
C ILE F 110 30.75 34.40 24.91
N LYS F 111 29.93 34.49 23.87
CA LYS F 111 30.48 34.41 22.52
C LYS F 111 30.88 35.77 22.01
N GLY F 112 30.48 36.82 22.73
CA GLY F 112 30.89 38.17 22.41
C GLY F 112 29.75 39.03 21.86
N ASP F 113 30.11 40.26 21.53
CA ASP F 113 29.16 41.18 20.93
C ASP F 113 29.00 40.87 19.46
N THR F 114 27.92 41.35 18.88
CA THR F 114 27.66 41.17 17.47
C THR F 114 27.80 42.56 16.88
N ILE F 115 28.73 42.70 15.95
CA ILE F 115 29.05 44.01 15.41
C ILE F 115 29.00 43.91 13.91
N ILE F 116 28.03 44.60 13.33
CA ILE F 116 27.86 44.63 11.89
C ILE F 116 28.19 46.03 11.43
N GLY F 117 29.12 46.11 10.48
CA GLY F 117 29.69 47.37 10.08
C GLY F 117 28.72 48.25 9.29
N ASN F 118 29.30 49.16 8.52
CA ASN F 118 28.58 50.12 7.69
C ASN F 118 28.53 49.62 6.25
N ASP F 119 27.46 49.98 5.54
CA ASP F 119 27.36 49.65 4.12
C ASP F 119 27.41 48.14 3.89
N VAL F 120 26.77 47.39 4.79
CA VAL F 120 26.70 45.95 4.70
C VAL F 120 25.32 45.49 4.16
N TRP F 121 25.33 44.57 3.21
CA TRP F 121 24.10 43.99 2.66
C TRP F 121 23.97 42.57 3.17
N ILE F 122 22.97 42.35 4.01
CA ILE F 122 22.59 41.02 4.47
C ILE F 122 21.38 40.50 3.76
N GLY F 123 21.55 39.41 3.02
CA GLY F 123 20.48 38.90 2.19
C GLY F 123 19.32 38.27 2.98
N LYS F 124 18.27 37.95 2.24
CA LYS F 124 17.06 37.31 2.77
C LYS F 124 17.35 36.10 3.62
N ASP F 125 16.69 36.04 4.77
CA ASP F 125 16.67 34.86 5.64
C ASP F 125 18.02 34.39 6.15
N VAL F 126 19.01 35.26 6.15
CA VAL F 126 20.27 35.00 6.81
C VAL F 126 20.05 34.89 8.31
N VAL F 127 20.79 34.01 8.95
CA VAL F 127 20.91 34.00 10.41
C VAL F 127 22.31 34.44 10.83
N ILE F 128 22.37 35.40 11.75
CA ILE F 128 23.65 35.81 12.34
C ILE F 128 23.75 35.22 13.73
N MET F 129 24.71 34.34 13.94
CA MET F 129 24.85 33.68 15.22
C MET F 129 25.69 34.53 16.18
N PRO F 130 25.69 34.18 17.47
CA PRO F 130 26.26 35.08 18.47
C PRO F 130 27.72 35.40 18.23
N GLY F 131 28.08 36.65 18.53
CA GLY F 131 29.47 37.02 18.61
C GLY F 131 30.14 37.36 17.29
N VAL F 132 29.36 37.48 16.25
CA VAL F 132 29.91 37.62 14.90
C VAL F 132 30.23 39.10 14.64
N LYS F 133 31.37 39.32 14.00
CA LYS F 133 31.71 40.64 13.47
C LYS F 133 31.66 40.57 11.94
N ILE F 134 30.99 41.54 11.33
CA ILE F 134 30.94 41.64 9.88
C ILE F 134 31.45 43.02 9.49
N GLY F 135 32.54 43.03 8.74
CA GLY F 135 33.18 44.28 8.37
C GLY F 135 32.39 45.16 7.42
N ASP F 136 32.76 46.43 7.40
CA ASP F 136 32.22 47.38 6.44
C ASP F 136 32.20 46.84 5.01
N GLY F 137 31.13 47.13 4.28
CA GLY F 137 31.06 46.78 2.87
C GLY F 137 30.88 45.31 2.52
N ALA F 138 30.72 44.44 3.52
CA ALA F 138 30.51 43.03 3.21
C ALA F 138 29.15 42.75 2.58
N ILE F 139 29.07 41.64 1.88
CA ILE F 139 27.82 41.13 1.35
C ILE F 139 27.62 39.70 1.84
N VAL F 140 26.51 39.45 2.54
CA VAL F 140 26.20 38.14 3.01
C VAL F 140 25.06 37.55 2.19
N ALA F 141 25.31 36.43 1.52
CA ALA F 141 24.36 35.86 0.57
C ALA F 141 23.08 35.43 1.31
N ALA F 142 21.96 35.49 0.62
CA ALA F 142 20.69 35.00 1.17
C ALA F 142 20.86 33.59 1.73
N ASN F 143 20.20 33.36 2.87
CA ASN F 143 20.14 32.06 3.51
C ASN F 143 21.42 31.58 4.17
N SER F 144 22.41 32.47 4.24
CA SER F 144 23.60 32.15 5.00
C SER F 144 23.32 32.03 6.48
N VAL F 145 24.15 31.23 7.14
CA VAL F 145 24.15 31.11 8.57
C VAL F 145 25.58 31.46 9.00
N VAL F 146 25.73 32.61 9.66
CA VAL F 146 27.06 33.22 9.84
C VAL F 146 27.53 32.90 11.24
N VAL F 147 28.58 32.11 11.32
CA VAL F 147 29.03 31.63 12.60
C VAL F 147 30.37 32.27 12.94
N LYS F 148 31.13 32.65 11.93
CA LYS F 148 32.44 33.26 12.15
C LYS F 148 32.49 34.65 11.52
N ASP F 149 33.47 35.44 11.90
CA ASP F 149 33.58 36.80 11.39
C ASP F 149 33.77 36.82 9.89
N ILE F 150 33.30 37.89 9.29
CA ILE F 150 33.50 38.17 7.88
C ILE F 150 34.23 39.50 7.74
N ALA F 151 35.32 39.51 6.98
CA ALA F 151 36.15 40.70 6.83
C ALA F 151 35.50 41.79 5.94
N PRO F 152 36.00 43.02 5.97
CA PRO F 152 35.38 44.11 5.22
C PRO F 152 35.38 43.82 3.70
N TYR F 153 34.33 44.25 3.03
CA TYR F 153 34.24 44.15 1.59
C TYR F 153 34.43 42.73 1.05
N MET F 154 34.05 41.73 1.85
N MET F 154 34.03 41.73 1.85
CA MET F 154 34.02 40.33 1.40
CA MET F 154 34.00 40.32 1.43
C MET F 154 32.60 39.92 1.01
C MET F 154 32.59 39.96 0.97
N LEU F 155 32.51 39.09 -0.02
CA LEU F 155 31.30 38.30 -0.25
C LEU F 155 31.41 37.04 0.57
N ALA F 156 30.35 36.72 1.31
CA ALA F 156 30.31 35.51 2.10
C ALA F 156 28.99 34.80 1.85
N GLY F 157 29.00 33.48 1.97
CA GLY F 157 27.77 32.71 1.82
C GLY F 157 27.83 31.30 2.36
N GLY F 158 26.66 30.71 2.55
CA GLY F 158 26.57 29.32 2.95
C GLY F 158 26.11 29.10 4.39
N ASN F 159 25.97 27.82 4.72
CA ASN F 159 25.73 27.39 6.07
C ASN F 159 26.65 26.21 6.35
N PRO F 160 27.70 26.43 7.14
CA PRO F 160 28.06 27.73 7.72
C PRO F 160 28.69 28.66 6.70
N ALA F 161 28.63 29.95 6.95
CA ALA F 161 29.03 30.91 5.94
C ALA F 161 30.57 30.94 5.82
N ASN F 162 31.06 30.94 4.58
CA ASN F 162 32.48 31.10 4.29
C ASN F 162 32.68 32.30 3.39
N GLU F 163 33.83 32.95 3.53
CA GLU F 163 34.21 33.97 2.61
C GLU F 163 34.44 33.38 1.23
N ILE F 164 33.86 34.02 0.24
CA ILE F 164 33.91 33.50 -1.11
C ILE F 164 34.95 34.28 -1.91
N LYS F 165 34.88 35.61 -1.85
CA LYS F 165 35.92 36.45 -2.48
C LYS F 165 35.87 37.86 -1.96
N GLN F 166 36.97 38.60 -2.12
CA GLN F 166 36.95 40.05 -1.88
C GLN F 166 36.24 40.73 -3.05
N ARG F 167 35.42 41.72 -2.73
CA ARG F 167 34.67 42.40 -3.76
C ARG F 167 35.57 43.25 -4.66
N PHE F 168 36.55 43.93 -4.05
CA PHE F 168 37.41 44.89 -4.75
C PHE F 168 38.88 44.55 -4.49
N ASP F 169 39.79 45.20 -5.21
CA ASP F 169 41.19 45.06 -4.88
C ASP F 169 41.46 45.68 -3.51
N GLN F 170 42.47 45.18 -2.84
CA GLN F 170 42.83 45.63 -1.50
C GLN F 170 43.01 47.14 -1.48
N ASP F 171 43.61 47.71 -2.53
CA ASP F 171 43.92 49.13 -2.54
C ASP F 171 42.62 49.91 -2.30
N THR F 172 41.66 49.65 -3.17
CA THR F 172 40.32 50.21 -3.06
C THR F 172 39.64 50.02 -1.68
N ILE F 173 39.71 48.80 -1.16
CA ILE F 173 39.18 48.50 0.15
C ILE F 173 39.86 49.39 1.16
N ASN F 174 41.18 49.46 1.11
CA ASN F 174 41.91 50.20 2.13
C ASN F 174 41.51 51.67 2.07
N GLN F 175 41.29 52.18 0.87
CA GLN F 175 40.90 53.58 0.68
C GLN F 175 39.50 53.83 1.23
N LEU F 176 38.63 52.86 1.02
CA LEU F 176 37.27 52.98 1.52
C LEU F 176 37.23 52.94 3.03
N LEU F 177 38.09 52.12 3.64
CA LEU F 177 38.09 51.98 5.10
C LEU F 177 38.68 53.20 5.78
N ASP F 178 39.49 53.96 5.04
CA ASP F 178 40.05 55.21 5.54
C ASP F 178 39.07 56.38 5.40
N ILE F 179 38.37 56.47 4.28
CA ILE F 179 37.56 57.66 4.04
C ILE F 179 36.22 57.64 4.76
N LYS F 180 35.65 56.45 4.94
CA LYS F 180 34.49 56.27 5.79
C LYS F 180 33.43 57.32 5.37
N TRP F 181 33.00 57.24 4.12
CA TRP F 181 31.97 58.15 3.59
C TRP F 181 30.69 58.17 4.41
N TRP F 182 30.40 57.04 5.02
CA TRP F 182 29.17 56.90 5.77
C TRP F 182 29.16 57.77 7.00
N ASN F 183 30.34 58.23 7.44
CA ASN F 183 30.40 59.13 8.58
C ASN F 183 30.27 60.62 8.27
N TRP F 184 30.24 60.98 6.98
CA TRP F 184 30.06 62.37 6.58
C TRP F 184 28.63 62.81 6.90
N PRO F 185 28.43 64.08 7.18
CA PRO F 185 27.06 64.60 7.27
C PRO F 185 26.30 64.30 5.98
N ILE F 186 24.99 64.05 6.08
CA ILE F 186 24.26 63.65 4.87
C ILE F 186 24.33 64.71 3.78
N ASP F 187 24.41 65.97 4.20
CA ASP F 187 24.52 67.07 3.27
C ASP F 187 25.72 66.88 2.34
N ILE F 188 26.79 66.28 2.83
CA ILE F 188 27.96 66.07 1.99
C ILE F 188 27.86 64.76 1.22
N ILE F 189 27.35 63.71 1.86
CA ILE F 189 27.10 62.47 1.14
C ILE F 189 26.28 62.75 -0.09
N ASN F 190 25.26 63.60 0.10
CA ASN F 190 24.28 63.89 -0.92
C ASN F 190 24.93 64.42 -2.20
N GLU F 191 26.02 65.16 -2.05
CA GLU F 191 26.72 65.68 -3.21
C GLU F 191 27.54 64.63 -3.93
N ASN F 192 27.65 63.44 -3.36
CA ASN F 192 28.64 62.47 -3.82
C ASN F 192 28.11 61.04 -4.06
N ILE F 193 26.80 60.87 -4.09
CA ILE F 193 26.23 59.53 -4.10
C ILE F 193 26.64 58.78 -5.36
N ASP F 194 26.74 59.49 -6.48
CA ASP F 194 27.12 58.83 -7.73
C ASP F 194 28.54 58.29 -7.66
N LYS F 195 29.42 58.98 -6.94
CA LYS F 195 30.79 58.53 -6.78
C LYS F 195 30.90 57.42 -5.73
N ILE F 196 30.04 57.51 -4.72
CA ILE F 196 29.87 56.40 -3.78
C ILE F 196 29.36 55.13 -4.46
N LEU F 197 28.49 55.28 -5.46
CA LEU F 197 27.92 54.14 -6.14
C LEU F 197 28.85 53.47 -7.13
N ASP F 198 29.85 54.19 -7.63
CA ASP F 198 30.79 53.56 -8.57
C ASP F 198 32.20 53.41 -8.06
N ASN F 199 32.40 53.74 -6.79
CA ASN F 199 33.71 53.70 -6.14
C ASN F 199 34.71 54.81 -6.52
N SER F 200 34.30 55.73 -7.36
CA SER F 200 35.22 56.77 -7.78
C SER F 200 35.38 57.81 -6.66
N ILE F 201 34.64 57.63 -5.56
CA ILE F 201 34.83 58.49 -4.39
C ILE F 201 36.25 58.44 -3.84
N ILE F 202 36.95 57.32 -4.07
CA ILE F 202 38.32 57.15 -3.60
C ILE F 202 39.31 58.11 -4.25
N ARG F 203 38.95 58.66 -5.41
CA ARG F 203 39.85 59.51 -6.20
C ARG F 203 39.66 61.00 -5.84
#